data_1PJ5
#
_entry.id   1PJ5
#
_cell.length_a   71.381
_cell.length_b   226.680
_cell.length_c   120.661
_cell.angle_alpha   90.00
_cell.angle_beta   90.00
_cell.angle_gamma   90.00
#
_symmetry.space_group_name_H-M   'C 2 2 2'
#
loop_
_entity.id
_entity.type
_entity.pdbx_description
1 polymer 'N,N-dimethylglycine oxidase'
2 non-polymer 'SODIUM ION'
3 non-polymer 'ACETATE ION'
4 non-polymer 'FLAVIN-ADENINE DINUCLEOTIDE'
5 water water
#
_entity_poly.entity_id   1
_entity_poly.type   'polypeptide(L)'
_entity_poly.pdbx_seq_one_letter_code
;MASTPRIVIIGAGIVGTNLADELVTRGWNNITVLDQGPLNMPGGSTSHAPGLVFQTNPSKTMASFAKYTVEKLLSLTEDG
VSCFNQVGGLEVATTETRLADLKRKLGYAAAWGIEGRLLSPAECQELYPLLDGENILGGLHVPSDGLASAARAVQLLIKR
TESAGVTYRGSTTVTGIEQSGGRVTGVQTADGVIPADIVVSCAGFWGAKIGAMIGMAVPLLPLAHQYVKTTPVPAQQGRN
DQPNGARLPILRHQDQDLYYREHGDRYGIGSYAHRPMPVDVDTLGAYAPETVSEHHMPSRLDFTLEDFLPAWEATKQLLP
ALADSEIEDGFNGIFSFTPDGGPLLGESKELDGFYVAEAVWVTHSAGVAKAMAELLTTGRSETDLGECDITRFEDVQLTP
EYVSETSQQNFVEIYDVLHPLQPRLSPRNLRVSPFHARHKELGAFFLEAGGWERPYWFEANAALLKEMPAEWLPPARDAW
SGMFSSPIAAAEAWKTRTAVAMYDMTPLKRLEVSGPGALKLLQELTTADLAKKPGAVTYTLLLDHAGGVRSDITVARLSE
DTFQLGANGNIDTAYFERAARHQTQSGSATDWVQVRDTTGGTCCIGLWGPLARDLVSKVSDDDFTNDGLKYFRAKNVVIG
GIPVTAMRLSYVGELGWELYTSADNGQRLWDALWQAGQPFGVIAAGRAAFSSLRLEKGYRSWGTDMTTEHDPFEAGLGFA
VKMAKESFIGKGALEGRTEEASARRLRCLTIDDGRSIVLGKEPVFYKEQAVGYVTSAAYGYTVAKPIAYSYLPGTVSVGD
SVDIEYFGRRITATVTEDPLYDPKMTRLRG
;
_entity_poly.pdbx_strand_id   A
#
loop_
_chem_comp.id
_chem_comp.type
_chem_comp.name
_chem_comp.formula
ACT non-polymer 'ACETATE ION' 'C2 H3 O2 -1'
FAD non-polymer 'FLAVIN-ADENINE DINUCLEOTIDE' 'C27 H33 N9 O15 P2'
NA non-polymer 'SODIUM ION' 'Na 1'
#
# COMPACT_ATOMS: atom_id res chain seq x y z
N THR A 4 16.32 -26.42 -11.84
CA THR A 4 15.44 -25.49 -11.08
C THR A 4 14.03 -26.04 -11.05
N PRO A 5 13.17 -25.52 -10.15
CA PRO A 5 11.79 -26.02 -10.01
C PRO A 5 10.98 -25.99 -11.30
N ARG A 6 10.05 -26.92 -11.40
CA ARG A 6 9.10 -26.97 -12.49
C ARG A 6 7.97 -25.98 -12.21
N ILE A 7 7.80 -25.03 -13.12
CA ILE A 7 6.85 -23.92 -12.96
C ILE A 7 5.76 -24.02 -14.01
N VAL A 8 4.50 -23.79 -13.61
CA VAL A 8 3.42 -23.58 -14.55
C VAL A 8 2.90 -22.16 -14.31
N ILE A 9 2.81 -21.38 -15.39
CA ILE A 9 2.20 -20.04 -15.34
C ILE A 9 0.84 -20.15 -16.02
N ILE A 10 -0.24 -19.68 -15.38
CA ILE A 10 -1.57 -19.66 -15.99
C ILE A 10 -1.81 -18.25 -16.54
N GLY A 11 -1.84 -18.15 -17.86
CA GLY A 11 -2.06 -16.88 -18.55
C GLY A 11 -0.90 -16.42 -19.37
N ALA A 12 -1.16 -16.17 -20.67
CA ALA A 12 -0.16 -15.59 -21.54
C ALA A 12 -0.53 -14.17 -21.94
N GLY A 13 -0.95 -13.41 -20.93
CA GLY A 13 -1.10 -11.96 -21.10
C GLY A 13 0.23 -11.27 -20.89
N ILE A 14 0.18 -9.95 -20.81
CA ILE A 14 1.41 -9.19 -20.61
C ILE A 14 2.13 -9.55 -19.28
N VAL A 15 1.38 -9.93 -18.27
CA VAL A 15 1.98 -10.33 -16.99
C VAL A 15 2.69 -11.69 -17.10
N GLY A 16 1.97 -12.70 -17.56
CA GLY A 16 2.53 -14.07 -17.56
C GLY A 16 3.73 -14.19 -18.48
N THR A 17 3.69 -13.52 -19.63
CA THR A 17 4.82 -13.60 -20.58
C THR A 17 6.00 -12.82 -20.08
N ASN A 18 5.77 -11.65 -19.43
CA ASN A 18 6.90 -10.99 -18.81
C ASN A 18 7.48 -11.78 -17.65
N LEU A 19 6.65 -12.47 -16.88
CA LEU A 19 7.16 -13.29 -15.78
C LEU A 19 8.02 -14.44 -16.36
N ALA A 20 7.52 -15.10 -17.40
CA ALA A 20 8.32 -16.17 -17.97
C ALA A 20 9.68 -15.61 -18.42
N ASP A 21 9.68 -14.42 -19.03
CA ASP A 21 10.89 -13.80 -19.52
C ASP A 21 11.85 -13.44 -18.36
N GLU A 22 11.31 -12.88 -17.27
CA GLU A 22 12.12 -12.50 -16.12
C GLU A 22 12.70 -13.73 -15.38
N LEU A 23 12.00 -14.86 -15.41
CA LEU A 23 12.53 -16.12 -14.85
C LEU A 23 13.65 -16.67 -15.70
N VAL A 24 13.46 -16.64 -17.01
CA VAL A 24 14.48 -17.15 -17.93
C VAL A 24 15.80 -16.39 -17.78
N THR A 25 15.72 -15.07 -17.69
CA THR A 25 16.90 -14.23 -17.53
C THR A 25 17.67 -14.56 -16.24
N ARG A 26 16.97 -15.14 -15.27
CA ARG A 26 17.55 -15.52 -13.98
C ARG A 26 17.90 -17.02 -13.97
N GLY A 27 17.92 -17.63 -15.14
CA GLY A 27 18.30 -19.05 -15.33
C GLY A 27 17.31 -20.14 -14.97
N TRP A 28 16.05 -19.76 -14.74
CA TRP A 28 14.96 -20.67 -14.52
C TRP A 28 14.16 -20.80 -15.80
N ASN A 29 14.28 -21.93 -16.48
CA ASN A 29 13.58 -22.11 -17.73
C ASN A 29 12.72 -23.37 -17.84
N ASN A 30 12.51 -24.03 -16.71
CA ASN A 30 11.63 -25.18 -16.67
C ASN A 30 10.19 -24.75 -16.47
N ILE A 31 9.68 -24.03 -17.47
CA ILE A 31 8.42 -23.30 -17.34
C ILE A 31 7.49 -23.74 -18.45
N THR A 32 6.22 -23.97 -18.10
CA THR A 32 5.14 -24.13 -19.08
C THR A 32 4.14 -22.98 -18.88
N VAL A 33 3.82 -22.26 -19.95
CA VAL A 33 2.80 -21.21 -19.87
C VAL A 33 1.53 -21.70 -20.58
N LEU A 34 0.37 -21.62 -19.91
CA LEU A 34 -0.91 -22.10 -20.44
C LEU A 34 -1.84 -20.93 -20.72
N ASP A 35 -2.55 -20.99 -21.84
CA ASP A 35 -3.65 -20.03 -22.05
C ASP A 35 -4.81 -20.73 -22.77
N GLN A 36 -6.03 -20.44 -22.34
CA GLN A 36 -7.24 -20.99 -22.96
C GLN A 36 -7.45 -20.41 -24.37
N GLY A 37 -6.86 -19.24 -24.63
CA GLY A 37 -6.99 -18.65 -25.95
C GLY A 37 -5.86 -19.09 -26.89
N PRO A 38 -5.95 -18.70 -28.17
CA PRO A 38 -4.89 -19.04 -29.13
C PRO A 38 -3.62 -18.20 -28.83
N LEU A 39 -2.43 -18.78 -28.95
CA LEU A 39 -1.21 -18.02 -28.65
C LEU A 39 -1.02 -16.75 -29.51
N ASN A 40 -1.52 -16.74 -30.76
CA ASN A 40 -1.36 -15.56 -31.58
C ASN A 40 -2.24 -14.40 -31.13
N MET A 41 -3.26 -14.65 -30.28
CA MET A 41 -4.15 -13.54 -29.80
C MET A 41 -4.96 -14.08 -28.64
N PRO A 42 -4.35 -14.15 -27.46
CA PRO A 42 -5.00 -14.87 -26.35
C PRO A 42 -6.40 -14.43 -25.99
N GLY A 43 -6.69 -13.12 -26.02
CA GLY A 43 -8.07 -12.70 -25.84
C GLY A 43 -8.46 -12.17 -24.47
N GLY A 44 -7.49 -12.09 -23.57
CA GLY A 44 -7.70 -11.35 -22.31
C GLY A 44 -7.53 -9.84 -22.52
N SER A 45 -7.45 -9.09 -21.40
CA SER A 45 -7.40 -7.63 -21.47
C SER A 45 -6.20 -7.11 -22.25
N THR A 46 -5.08 -7.84 -22.23
CA THR A 46 -3.90 -7.39 -22.99
C THR A 46 -4.21 -7.27 -24.50
N SER A 47 -5.11 -8.13 -24.98
CA SER A 47 -5.49 -8.14 -26.39
C SER A 47 -6.40 -6.99 -26.79
N HIS A 48 -6.84 -6.15 -25.82
CA HIS A 48 -7.57 -4.93 -26.23
C HIS A 48 -7.01 -3.58 -25.72
N ALA A 49 -5.98 -3.62 -24.88
CA ALA A 49 -5.51 -2.36 -24.26
C ALA A 49 -4.89 -1.41 -25.28
N PRO A 50 -5.23 -0.12 -25.20
CA PRO A 50 -4.58 0.90 -26.03
C PRO A 50 -3.17 1.28 -25.59
N GLY A 51 -2.78 0.96 -24.35
CA GLY A 51 -1.37 1.05 -23.99
C GLY A 51 -0.85 2.39 -23.51
N LEU A 52 -1.71 3.27 -22.95
CA LEU A 52 -1.17 4.50 -22.38
C LEU A 52 -0.39 4.19 -21.10
N VAL A 53 0.81 4.75 -21.01
CA VAL A 53 1.67 4.54 -19.84
C VAL A 53 2.00 5.91 -19.24
N PHE A 54 1.35 6.23 -18.10
CA PHE A 54 1.70 7.43 -17.30
C PHE A 54 2.43 6.88 -16.09
N GLN A 55 3.71 7.22 -15.97
CA GLN A 55 4.52 6.70 -14.87
C GLN A 55 4.29 7.29 -13.49
N THR A 56 4.03 8.60 -13.42
CA THR A 56 3.89 9.29 -12.13
C THR A 56 2.68 8.71 -11.38
N ASN A 57 2.89 8.41 -10.11
CA ASN A 57 1.92 7.75 -9.26
C ASN A 57 2.23 8.17 -7.83
N PRO A 58 1.24 8.23 -6.92
CA PRO A 58 1.55 8.47 -5.50
C PRO A 58 2.34 7.33 -4.85
N SER A 59 2.29 6.14 -5.42
CA SER A 59 3.05 5.01 -4.84
C SER A 59 4.45 4.90 -5.45
N LYS A 60 5.47 4.97 -4.59
CA LYS A 60 6.86 4.78 -4.99
C LYS A 60 7.05 3.44 -5.74
N THR A 61 6.45 2.39 -5.20
CA THR A 61 6.54 1.07 -5.83
C THR A 61 5.93 1.05 -7.22
N MET A 62 4.72 1.58 -7.36
CA MET A 62 4.07 1.60 -8.69
C MET A 62 4.81 2.48 -9.68
N ALA A 63 5.32 3.64 -9.23
CA ALA A 63 6.13 4.44 -10.11
C ALA A 63 7.37 3.67 -10.58
N SER A 64 8.03 2.96 -9.67
CA SER A 64 9.19 2.19 -10.08
C SER A 64 8.85 1.06 -11.08
N PHE A 65 7.70 0.42 -10.91
CA PHE A 65 7.23 -0.62 -11.84
C PHE A 65 7.00 -0.02 -13.23
N ALA A 66 6.44 1.21 -13.25
CA ALA A 66 6.16 1.85 -14.53
C ALA A 66 7.46 2.26 -15.22
N LYS A 67 8.42 2.80 -14.46
CA LYS A 67 9.69 3.21 -15.07
C LYS A 67 10.37 1.98 -15.70
N TYR A 68 10.27 0.86 -15.02
CA TYR A 68 10.89 -0.37 -15.55
C TYR A 68 10.18 -0.87 -16.81
N THR A 69 8.85 -0.76 -16.80
CA THR A 69 8.10 -1.15 -17.98
C THR A 69 8.49 -0.32 -19.20
N VAL A 70 8.61 1.00 -19.01
CA VAL A 70 9.00 1.87 -20.12
C VAL A 70 10.38 1.42 -20.65
N GLU A 71 11.34 1.22 -19.73
CA GLU A 71 12.72 0.81 -20.09
C GLU A 71 12.69 -0.53 -20.86
N LYS A 72 11.93 -1.48 -20.32
CA LYS A 72 11.89 -2.81 -20.93
C LYS A 72 11.21 -2.82 -22.32
N LEU A 73 10.06 -2.15 -22.43
CA LEU A 73 9.37 -2.05 -23.71
C LEU A 73 10.16 -1.32 -24.78
N LEU A 74 10.96 -0.31 -24.40
CA LEU A 74 11.84 0.34 -25.36
C LEU A 74 12.92 -0.61 -25.87
N SER A 75 13.29 -1.57 -25.03
CA SER A 75 14.35 -2.55 -25.33
C SER A 75 13.87 -3.73 -26.17
N LEU A 76 12.55 -3.95 -26.19
CA LEU A 76 11.92 -5.08 -26.85
C LEU A 76 11.65 -4.70 -28.29
N THR A 77 12.43 -5.27 -29.21
CA THR A 77 12.41 -4.79 -30.57
C THR A 77 12.60 -5.94 -31.56
N GLU A 78 12.07 -5.72 -32.73
CA GLU A 78 12.26 -6.61 -33.88
C GLU A 78 12.07 -5.76 -35.14
N ASP A 79 12.90 -5.98 -36.15
CA ASP A 79 12.82 -5.25 -37.43
C ASP A 79 12.97 -3.74 -37.23
N GLY A 80 13.80 -3.37 -36.24
CA GLY A 80 14.04 -1.99 -35.87
C GLY A 80 12.86 -1.20 -35.27
N VAL A 81 11.81 -1.89 -34.83
CA VAL A 81 10.65 -1.24 -34.21
C VAL A 81 10.44 -1.78 -32.79
N SER A 82 10.57 -0.91 -31.78
CA SER A 82 10.38 -1.36 -30.39
C SER A 82 8.89 -1.47 -30.01
N CYS A 83 8.66 -1.88 -28.77
CA CYS A 83 7.30 -1.94 -28.23
C CYS A 83 6.92 -0.73 -27.38
N PHE A 84 7.63 0.38 -27.54
CA PHE A 84 7.25 1.63 -26.84
C PHE A 84 7.45 2.82 -27.75
N ASN A 85 6.39 3.63 -27.90
CA ASN A 85 6.46 4.83 -28.70
C ASN A 85 6.46 5.96 -27.67
N GLN A 86 7.64 6.56 -27.47
CA GLN A 86 7.86 7.52 -26.39
C GLN A 86 7.48 8.96 -26.76
N VAL A 87 6.18 9.14 -26.90
CA VAL A 87 5.58 10.43 -27.27
C VAL A 87 5.47 11.42 -26.10
N GLY A 88 5.75 10.97 -24.88
CA GLY A 88 5.54 11.77 -23.68
C GLY A 88 4.09 11.70 -23.27
N GLY A 89 3.75 12.34 -22.15
CA GLY A 89 2.39 12.34 -21.61
C GLY A 89 2.04 13.74 -21.07
N LEU A 90 0.79 14.15 -21.25
CA LEU A 90 0.30 15.46 -20.79
C LEU A 90 -0.98 15.24 -20.01
N GLU A 91 -1.02 15.71 -18.75
CA GLU A 91 -2.26 15.76 -17.98
C GLU A 91 -2.71 17.21 -17.94
N VAL A 92 -3.94 17.50 -18.38
CA VAL A 92 -4.39 18.90 -18.36
C VAL A 92 -5.36 19.12 -17.21
N ALA A 93 -5.42 20.37 -16.73
CA ALA A 93 -6.31 20.79 -15.64
C ALA A 93 -7.35 21.77 -16.18
N THR A 94 -8.64 21.48 -15.97
CA THR A 94 -9.70 22.48 -16.24
C THR A 94 -10.35 23.15 -15.03
N THR A 95 -9.90 22.77 -13.83
CA THR A 95 -10.35 23.40 -12.58
C THR A 95 -9.17 23.79 -11.71
N GLU A 96 -9.37 24.74 -10.80
CA GLU A 96 -8.35 25.12 -9.84
C GLU A 96 -7.95 23.94 -8.93
N THR A 97 -8.91 23.10 -8.60
CA THR A 97 -8.59 21.91 -7.77
C THR A 97 -7.59 21.02 -8.47
N ARG A 98 -7.83 20.79 -9.76
CA ARG A 98 -6.96 19.89 -10.50
C ARG A 98 -5.59 20.56 -10.71
N LEU A 99 -5.59 21.89 -10.94
CA LEU A 99 -4.33 22.58 -11.14
C LEU A 99 -3.41 22.42 -9.91
N ALA A 100 -3.98 22.57 -8.71
CA ALA A 100 -3.22 22.35 -7.51
C ALA A 100 -2.73 20.90 -7.42
N ASP A 101 -3.61 19.95 -7.74
CA ASP A 101 -3.18 18.54 -7.66
C ASP A 101 -2.04 18.26 -8.64
N LEU A 102 -1.99 18.92 -9.81
CA LEU A 102 -0.82 18.70 -10.67
C LEU A 102 0.46 19.16 -10.00
N LYS A 103 0.41 20.18 -9.15
CA LYS A 103 1.66 20.57 -8.46
C LYS A 103 2.08 19.47 -7.46
N ARG A 104 1.10 18.88 -6.77
CA ARG A 104 1.41 17.73 -5.91
C ARG A 104 2.01 16.58 -6.72
N LYS A 105 1.45 16.32 -7.91
CA LYS A 105 1.97 15.23 -8.75
C LYS A 105 3.35 15.48 -9.27
N LEU A 106 3.70 16.75 -9.54
CA LEU A 106 5.06 17.14 -9.91
C LEU A 106 6.00 16.79 -8.75
N GLY A 107 5.50 16.91 -7.51
CA GLY A 107 6.23 16.48 -6.35
C GLY A 107 6.48 14.99 -6.35
N TYR A 108 5.48 14.17 -6.64
CA TYR A 108 5.71 12.71 -6.75
C TYR A 108 6.78 12.44 -7.79
N ALA A 109 6.67 13.12 -8.92
CA ALA A 109 7.63 12.87 -10.01
C ALA A 109 9.07 13.09 -9.50
N ALA A 110 9.32 14.21 -8.85
CA ALA A 110 10.63 14.48 -8.30
C ALA A 110 11.02 13.45 -7.23
N ALA A 111 10.08 13.09 -6.37
CA ALA A 111 10.38 12.08 -5.34
C ALA A 111 10.83 10.75 -5.87
N TRP A 112 10.17 10.29 -6.96
CA TRP A 112 10.45 8.96 -7.50
C TRP A 112 11.41 8.97 -8.67
N GLY A 113 11.96 10.13 -9.02
CA GLY A 113 12.98 10.21 -10.08
C GLY A 113 12.45 10.18 -11.52
N ILE A 114 11.28 10.76 -11.74
CA ILE A 114 10.70 10.93 -13.08
C ILE A 114 10.78 12.39 -13.44
N GLU A 115 11.33 12.72 -14.63
CA GLU A 115 11.41 14.12 -15.07
C GLU A 115 10.07 14.62 -15.60
N GLY A 116 9.63 15.80 -15.13
CA GLY A 116 8.37 16.38 -15.56
C GLY A 116 8.40 17.88 -15.34
N ARG A 117 7.45 18.56 -15.95
CA ARG A 117 7.37 20.01 -15.84
C ARG A 117 5.91 20.44 -15.79
N LEU A 118 5.62 21.52 -15.05
CA LEU A 118 4.30 22.16 -15.14
C LEU A 118 4.30 23.10 -16.32
N LEU A 119 3.24 23.06 -17.12
CA LEU A 119 3.10 23.92 -18.31
C LEU A 119 1.99 24.92 -18.12
N SER A 120 2.21 26.15 -18.61
CA SER A 120 1.16 27.17 -18.65
C SER A 120 0.13 26.84 -19.72
N PRO A 121 -1.01 27.52 -19.71
CA PRO A 121 -1.98 27.32 -20.80
C PRO A 121 -1.36 27.49 -22.18
N ALA A 122 -0.54 28.52 -22.35
CA ALA A 122 0.13 28.72 -23.64
C ALA A 122 1.06 27.58 -24.04
N GLU A 123 1.81 27.09 -23.07
CA GLU A 123 2.71 25.96 -23.35
C GLU A 123 1.96 24.69 -23.68
N CYS A 124 0.80 24.51 -23.05
CA CYS A 124 -0.06 23.36 -23.35
C CYS A 124 -0.53 23.45 -24.80
N GLN A 125 -0.88 24.67 -25.21
CA GLN A 125 -1.36 24.88 -26.58
C GLN A 125 -0.25 24.65 -27.62
N GLU A 126 0.98 25.02 -27.27
CA GLU A 126 2.13 24.79 -28.15
C GLU A 126 2.39 23.31 -28.30
N LEU A 127 2.31 22.58 -27.19
CA LEU A 127 2.54 21.15 -27.18
C LEU A 127 1.42 20.34 -27.84
N TYR A 128 0.18 20.80 -27.68
CA TYR A 128 -0.99 20.04 -28.08
C TYR A 128 -1.96 20.99 -28.76
N PRO A 129 -1.63 21.38 -29.99
CA PRO A 129 -2.42 22.38 -30.71
C PRO A 129 -3.93 22.15 -30.86
N LEU A 130 -4.38 20.91 -30.78
CA LEU A 130 -5.82 20.63 -30.92
C LEU A 130 -6.64 21.00 -29.67
N LEU A 131 -5.98 21.27 -28.54
CA LEU A 131 -6.69 21.71 -27.35
C LEU A 131 -7.41 23.04 -27.62
N ASP A 132 -8.63 23.17 -27.12
CA ASP A 132 -9.27 24.50 -27.02
C ASP A 132 -8.72 25.11 -25.71
N GLY A 133 -7.80 26.07 -25.81
CA GLY A 133 -7.08 26.58 -24.65
C GLY A 133 -7.88 27.40 -23.63
N GLU A 134 -9.10 27.81 -23.99
CA GLU A 134 -9.95 28.64 -23.11
C GLU A 134 -10.17 28.06 -21.70
N ASN A 135 -10.56 26.78 -21.63
CA ASN A 135 -10.75 26.10 -20.36
C ASN A 135 -9.51 25.40 -19.77
N ILE A 136 -8.37 25.48 -20.44
CA ILE A 136 -7.14 24.83 -19.91
C ILE A 136 -6.46 25.77 -18.92
N LEU A 137 -6.25 25.31 -17.71
CA LEU A 137 -5.57 26.13 -16.71
C LEU A 137 -4.08 25.86 -16.56
N GLY A 138 -3.63 24.68 -17.01
CA GLY A 138 -2.22 24.32 -16.97
C GLY A 138 -2.13 22.84 -17.22
N GLY A 139 -0.93 22.30 -17.31
CA GLY A 139 -0.74 20.88 -17.62
C GLY A 139 0.48 20.34 -16.93
N LEU A 140 0.59 19.03 -16.83
CA LEU A 140 1.81 18.38 -16.30
C LEU A 140 2.34 17.56 -17.45
N HIS A 141 3.58 17.85 -17.85
CA HIS A 141 4.22 17.18 -18.98
C HIS A 141 5.37 16.29 -18.54
N VAL A 142 5.27 15.01 -18.91
CA VAL A 142 6.31 14.04 -18.57
C VAL A 142 6.82 13.44 -19.91
N PRO A 143 7.95 13.93 -20.41
CA PRO A 143 8.44 13.47 -21.73
C PRO A 143 8.67 11.97 -21.92
N SER A 144 8.93 11.26 -20.84
CA SER A 144 9.25 9.84 -20.95
C SER A 144 8.03 8.90 -20.95
N ASP A 145 6.83 9.43 -20.71
CA ASP A 145 5.61 8.62 -20.82
C ASP A 145 5.39 8.27 -22.30
N GLY A 146 4.38 7.46 -22.60
CA GLY A 146 4.14 7.11 -23.98
C GLY A 146 3.25 5.90 -24.17
N LEU A 147 3.36 5.28 -25.35
CA LEU A 147 2.41 4.24 -25.79
C LEU A 147 3.05 2.88 -25.87
N ALA A 148 2.52 1.91 -25.12
CA ALA A 148 3.05 0.54 -25.17
C ALA A 148 2.32 -0.22 -26.29
N SER A 149 3.06 -1.09 -27.00
CA SER A 149 2.44 -2.06 -27.93
C SER A 149 2.36 -3.39 -27.20
N ALA A 150 1.30 -3.55 -26.39
CA ALA A 150 1.25 -4.67 -25.45
C ALA A 150 1.09 -5.99 -26.18
N ALA A 151 0.26 -6.03 -27.23
CA ALA A 151 0.04 -7.31 -27.93
C ALA A 151 1.34 -7.70 -28.64
N ARG A 152 2.04 -6.74 -29.23
CA ARG A 152 3.31 -7.06 -29.90
C ARG A 152 4.37 -7.52 -28.87
N ALA A 153 4.36 -6.91 -27.69
CA ALA A 153 5.33 -7.30 -26.65
C ALA A 153 5.10 -8.76 -26.27
N VAL A 154 3.83 -9.18 -26.12
CA VAL A 154 3.52 -10.57 -25.75
C VAL A 154 4.14 -11.50 -26.80
N GLN A 155 3.90 -11.18 -28.07
CA GLN A 155 4.45 -12.05 -29.16
C GLN A 155 5.99 -12.09 -29.15
N LEU A 156 6.67 -10.97 -28.90
CA LEU A 156 8.13 -10.98 -28.86
C LEU A 156 8.67 -11.68 -27.63
N LEU A 157 7.96 -11.57 -26.51
CA LEU A 157 8.36 -12.32 -25.31
C LEU A 157 8.18 -13.82 -25.47
N ILE A 158 7.08 -14.23 -26.11
CA ILE A 158 6.85 -15.64 -26.36
C ILE A 158 8.01 -16.19 -27.23
N LYS A 159 8.38 -15.46 -28.28
CA LYS A 159 9.44 -15.90 -29.20
C LYS A 159 10.78 -16.10 -28.48
N ARG A 160 11.21 -15.11 -27.69
CA ARG A 160 12.51 -15.23 -27.06
C ARG A 160 12.58 -16.17 -25.85
N THR A 161 11.45 -16.36 -25.15
CA THR A 161 11.44 -17.34 -24.08
C THR A 161 11.30 -18.78 -24.62
N GLU A 162 10.57 -18.98 -25.71
CA GLU A 162 10.48 -20.30 -26.37
C GLU A 162 11.86 -20.76 -26.82
N SER A 163 12.66 -19.84 -27.33
CA SER A 163 14.04 -20.13 -27.73
C SER A 163 14.91 -20.57 -26.56
N ALA A 164 14.60 -20.05 -25.37
CA ALA A 164 15.37 -20.36 -24.18
C ALA A 164 14.84 -21.60 -23.44
N GLY A 165 13.79 -22.24 -23.96
CA GLY A 165 13.31 -23.49 -23.38
C GLY A 165 11.92 -23.49 -22.76
N VAL A 166 11.26 -22.34 -22.74
CA VAL A 166 9.89 -22.30 -22.19
C VAL A 166 8.88 -22.95 -23.15
N THR A 167 7.95 -23.74 -22.60
CA THR A 167 6.87 -24.39 -23.35
C THR A 167 5.61 -23.55 -23.27
N TYR A 168 5.02 -23.23 -24.42
CA TYR A 168 3.72 -22.57 -24.48
C TYR A 168 2.67 -23.51 -24.97
N ARG A 169 1.55 -23.57 -24.25
CA ARG A 169 0.41 -24.35 -24.70
C ARG A 169 -0.83 -23.46 -24.74
N GLY A 170 -1.19 -22.97 -25.93
CA GLY A 170 -2.44 -22.26 -26.14
C GLY A 170 -3.61 -23.21 -26.22
N SER A 171 -4.81 -22.67 -26.38
CA SER A 171 -6.01 -23.51 -26.48
C SER A 171 -6.11 -24.54 -25.35
N THR A 172 -5.62 -24.18 -24.16
CA THR A 172 -5.54 -25.10 -23.02
C THR A 172 -6.16 -24.45 -21.79
N THR A 173 -7.28 -25.00 -21.33
CA THR A 173 -8.09 -24.38 -20.26
C THR A 173 -7.79 -25.13 -18.97
N VAL A 174 -7.32 -24.39 -17.95
CA VAL A 174 -7.10 -24.96 -16.61
C VAL A 174 -8.47 -25.11 -15.95
N THR A 175 -8.78 -26.32 -15.48
CA THR A 175 -10.04 -26.58 -14.82
C THR A 175 -9.86 -26.84 -13.32
N GLY A 176 -8.65 -27.06 -12.89
CA GLY A 176 -8.43 -27.29 -11.47
C GLY A 176 -6.95 -27.28 -11.09
N ILE A 177 -6.67 -27.41 -9.79
CA ILE A 177 -5.34 -27.38 -9.28
C ILE A 177 -5.15 -28.60 -8.40
N GLU A 178 -4.05 -29.33 -8.65
CA GLU A 178 -3.78 -30.55 -7.90
C GLU A 178 -2.85 -30.23 -6.75
N GLN A 179 -3.12 -30.84 -5.60
CA GLN A 179 -2.31 -30.61 -4.44
C GLN A 179 -2.15 -31.85 -3.54
N SER A 180 -1.07 -31.86 -2.77
CA SER A 180 -0.83 -32.85 -1.72
C SER A 180 -0.06 -32.23 -0.56
N GLY A 181 -0.45 -32.58 0.67
CA GLY A 181 0.33 -32.19 1.84
C GLY A 181 0.40 -30.68 2.04
N GLY A 182 -0.62 -29.97 1.55
CA GLY A 182 -0.62 -28.52 1.63
C GLY A 182 0.26 -27.77 0.62
N ARG A 183 0.76 -28.46 -0.39
CA ARG A 183 1.58 -27.83 -1.43
C ARG A 183 1.09 -28.21 -2.82
N VAL A 184 1.27 -27.30 -3.76
CA VAL A 184 0.81 -27.56 -5.12
C VAL A 184 1.64 -28.67 -5.79
N THR A 185 0.98 -29.50 -6.60
CA THR A 185 1.72 -30.53 -7.34
C THR A 185 1.39 -30.54 -8.83
N GLY A 186 0.41 -29.76 -9.27
CA GLY A 186 0.03 -29.83 -10.66
C GLY A 186 -1.14 -28.97 -11.06
N VAL A 187 -1.37 -28.90 -12.37
CA VAL A 187 -2.46 -28.11 -12.92
C VAL A 187 -3.32 -29.03 -13.76
N GLN A 188 -4.64 -29.06 -13.51
CA GLN A 188 -5.59 -29.95 -14.20
C GLN A 188 -6.17 -29.31 -15.44
N THR A 189 -6.21 -30.09 -16.54
CA THR A 189 -6.90 -29.69 -17.78
C THR A 189 -7.74 -30.89 -18.25
N ALA A 190 -8.62 -30.69 -19.23
CA ALA A 190 -9.43 -31.80 -19.78
C ALA A 190 -8.58 -32.98 -20.21
N ASP A 191 -7.31 -32.72 -20.53
CA ASP A 191 -6.42 -33.76 -21.03
C ASP A 191 -5.42 -34.35 -20.03
N GLY A 192 -5.57 -34.01 -18.76
CA GLY A 192 -4.71 -34.57 -17.74
C GLY A 192 -4.00 -33.51 -16.91
N VAL A 193 -3.10 -33.96 -16.04
CA VAL A 193 -2.49 -33.08 -15.08
C VAL A 193 -1.12 -32.72 -15.56
N ILE A 194 -0.82 -31.42 -15.57
CA ILE A 194 0.53 -30.96 -15.86
C ILE A 194 1.26 -30.77 -14.53
N PRO A 195 2.36 -31.50 -14.30
CA PRO A 195 3.09 -31.42 -13.01
C PRO A 195 3.76 -30.05 -12.76
N ALA A 196 3.83 -29.67 -11.47
CA ALA A 196 4.41 -28.38 -11.12
C ALA A 196 4.90 -28.37 -9.68
N ASP A 197 6.06 -27.76 -9.43
CA ASP A 197 6.53 -27.47 -8.07
C ASP A 197 6.00 -26.08 -7.67
N ILE A 198 5.77 -25.23 -8.68
CA ILE A 198 5.34 -23.81 -8.46
C ILE A 198 4.29 -23.48 -9.50
N VAL A 199 3.21 -22.81 -9.07
CA VAL A 199 2.21 -22.40 -10.04
C VAL A 199 2.01 -20.91 -9.79
N VAL A 200 1.98 -20.12 -10.86
CA VAL A 200 1.71 -18.67 -10.69
C VAL A 200 0.49 -18.32 -11.52
N SER A 201 -0.59 -17.85 -10.87
CA SER A 201 -1.82 -17.46 -11.56
C SER A 201 -1.63 -16.04 -12.09
N CYS A 202 -1.52 -15.92 -13.41
CA CYS A 202 -1.43 -14.61 -14.13
C CYS A 202 -2.65 -14.49 -15.02
N ALA A 203 -3.81 -14.73 -14.42
CA ALA A 203 -5.04 -14.94 -15.19
C ALA A 203 -5.91 -13.68 -15.33
N GLY A 204 -5.36 -12.51 -15.01
CA GLY A 204 -6.09 -11.24 -15.22
C GLY A 204 -7.42 -11.28 -14.48
N PHE A 205 -8.48 -10.83 -15.15
CA PHE A 205 -9.79 -10.76 -14.48
C PHE A 205 -10.47 -12.09 -14.18
N TRP A 206 -9.87 -13.21 -14.63
CA TRP A 206 -10.32 -14.52 -14.22
C TRP A 206 -9.64 -14.97 -12.91
N GLY A 207 -8.81 -14.11 -12.30
CA GLY A 207 -8.11 -14.42 -11.07
C GLY A 207 -8.95 -14.98 -9.91
N ALA A 208 -10.17 -14.47 -9.69
CA ALA A 208 -11.02 -15.02 -8.60
C ALA A 208 -11.57 -16.43 -8.93
N LYS A 209 -11.82 -16.68 -10.21
CA LYS A 209 -12.23 -18.00 -10.67
C LYS A 209 -11.09 -18.99 -10.47
N ILE A 210 -9.85 -18.60 -10.79
CA ILE A 210 -8.72 -19.51 -10.54
C ILE A 210 -8.62 -19.73 -9.03
N GLY A 211 -8.73 -18.66 -8.24
CA GLY A 211 -8.49 -18.78 -6.80
C GLY A 211 -9.46 -19.75 -6.13
N ALA A 212 -10.71 -19.74 -6.58
CA ALA A 212 -11.72 -20.65 -6.00
C ALA A 212 -11.31 -22.12 -6.18
N MET A 213 -10.44 -22.42 -7.15
CA MET A 213 -9.99 -23.80 -7.38
C MET A 213 -9.14 -24.36 -6.21
N ILE A 214 -8.62 -23.47 -5.35
CA ILE A 214 -7.84 -23.85 -4.18
C ILE A 214 -8.40 -23.29 -2.89
N GLY A 215 -9.61 -22.77 -2.98
CA GLY A 215 -10.29 -22.15 -1.83
C GLY A 215 -9.67 -20.83 -1.41
N MET A 216 -9.06 -20.10 -2.34
CA MET A 216 -8.41 -18.82 -2.03
C MET A 216 -9.31 -17.66 -2.46
N ALA A 217 -9.51 -16.68 -1.58
CA ALA A 217 -10.23 -15.46 -1.97
C ALA A 217 -9.26 -14.47 -2.67
N VAL A 218 -9.57 -14.12 -3.91
CA VAL A 218 -8.73 -13.21 -4.70
C VAL A 218 -9.60 -11.94 -4.89
N PRO A 219 -9.28 -10.86 -4.15
CA PRO A 219 -10.16 -9.69 -4.10
C PRO A 219 -10.01 -8.76 -5.28
N LEU A 220 -10.40 -9.27 -6.45
CA LEU A 220 -10.57 -8.40 -7.63
C LEU A 220 -12.00 -8.54 -8.16
N LEU A 221 -12.45 -7.49 -8.86
CA LEU A 221 -13.76 -7.51 -9.47
C LEU A 221 -13.56 -7.24 -10.95
N PRO A 222 -14.06 -8.12 -11.82
CA PRO A 222 -14.06 -7.79 -13.26
C PRO A 222 -15.04 -6.66 -13.52
N LEU A 223 -14.58 -5.61 -14.21
CA LEU A 223 -15.42 -4.45 -14.55
C LEU A 223 -15.15 -4.07 -16.00
N ALA A 224 -16.17 -3.51 -16.66
CA ALA A 224 -15.97 -3.05 -18.06
C ALA A 224 -15.73 -1.56 -18.14
N HIS A 225 -14.95 -1.15 -19.15
CA HIS A 225 -14.49 0.23 -19.32
C HIS A 225 -14.60 0.52 -20.82
N GLN A 226 -15.18 1.67 -21.17
CA GLN A 226 -15.37 2.01 -22.61
C GLN A 226 -14.14 2.58 -23.32
N TYR A 227 -13.89 2.09 -24.53
CA TYR A 227 -12.85 2.67 -25.37
C TYR A 227 -13.42 2.78 -26.77
N VAL A 228 -13.23 3.96 -27.35
CA VAL A 228 -13.85 4.30 -28.66
C VAL A 228 -12.80 4.77 -29.64
N LYS A 229 -12.96 4.38 -30.92
CA LYS A 229 -12.15 5.04 -31.96
C LYS A 229 -13.04 5.87 -32.88
N THR A 230 -12.55 7.02 -33.34
CA THR A 230 -13.33 7.90 -34.24
C THR A 230 -13.09 7.51 -35.67
N THR A 231 -13.87 8.08 -36.57
CA THR A 231 -13.52 8.07 -37.99
C THR A 231 -12.31 9.00 -38.21
N PRO A 232 -11.72 9.02 -39.42
CA PRO A 232 -10.59 9.94 -39.67
C PRO A 232 -10.94 11.39 -39.38
N VAL A 233 -10.05 12.02 -38.63
CA VAL A 233 -10.30 13.37 -38.17
C VAL A 233 -9.72 14.35 -39.21
N PRO A 234 -10.54 15.21 -39.80
CA PRO A 234 -10.01 16.12 -40.84
C PRO A 234 -8.74 16.90 -40.45
N ALA A 235 -8.65 17.44 -39.24
CA ALA A 235 -7.47 18.21 -38.85
C ALA A 235 -6.18 17.38 -38.83
N GLN A 236 -6.35 16.05 -38.73
CA GLN A 236 -5.23 15.12 -38.67
C GLN A 236 -4.76 14.55 -40.01
N GLN A 237 -5.45 14.95 -41.08
CA GLN A 237 -5.12 14.41 -42.39
C GLN A 237 -3.65 14.61 -42.73
N GLY A 238 -3.00 13.50 -43.07
CA GLY A 238 -1.61 13.49 -43.51
C GLY A 238 -0.55 13.63 -42.42
N ARG A 239 -0.95 13.70 -41.15
CA ARG A 239 0.04 14.02 -40.10
C ARG A 239 0.84 12.83 -39.52
N ASN A 240 0.18 11.68 -39.33
CA ASN A 240 0.80 10.49 -38.72
C ASN A 240 0.93 9.32 -39.70
N ASP A 241 1.81 8.39 -39.35
CA ASP A 241 1.92 7.10 -40.04
C ASP A 241 0.61 6.33 -39.88
N GLN A 242 0.15 5.68 -40.96
CA GLN A 242 -1.05 4.85 -40.85
C GLN A 242 -0.58 3.44 -40.54
N PRO A 243 -1.41 2.60 -39.91
CA PRO A 243 -2.76 2.94 -39.41
C PRO A 243 -2.84 3.32 -37.92
N ASN A 244 -1.77 3.12 -37.14
CA ASN A 244 -1.79 3.36 -35.69
C ASN A 244 -0.65 4.24 -35.17
N GLY A 245 -0.08 5.04 -36.06
CA GLY A 245 0.91 6.01 -35.69
C GLY A 245 0.40 7.05 -34.69
N ALA A 246 1.36 7.63 -33.98
CA ALA A 246 1.08 8.70 -33.00
C ALA A 246 2.33 9.53 -32.84
N ARG A 247 2.15 10.85 -32.72
CA ARG A 247 3.22 11.80 -32.58
C ARG A 247 3.03 12.68 -31.37
N LEU A 248 1.77 12.97 -31.00
CA LEU A 248 1.48 13.84 -29.85
C LEU A 248 1.59 13.02 -28.55
N PRO A 249 1.85 13.70 -27.45
CA PRO A 249 1.86 12.98 -26.15
C PRO A 249 0.50 12.36 -25.88
N ILE A 250 0.50 11.24 -25.19
CA ILE A 250 -0.76 10.73 -24.64
C ILE A 250 -1.39 11.81 -23.75
N LEU A 251 -2.73 11.84 -23.73
CA LEU A 251 -3.44 12.98 -23.12
C LEU A 251 -4.42 12.53 -22.05
N ARG A 252 -4.25 13.04 -20.82
CA ARG A 252 -5.24 12.80 -19.76
C ARG A 252 -6.10 14.05 -19.51
N HIS A 253 -7.41 13.84 -19.36
CA HIS A 253 -8.39 14.91 -19.06
C HIS A 253 -9.15 14.42 -17.84
N GLN A 254 -8.46 14.41 -16.69
CA GLN A 254 -9.01 13.72 -15.51
C GLN A 254 -10.26 14.36 -14.93
N ASP A 255 -10.42 15.67 -15.10
CA ASP A 255 -11.68 16.31 -14.63
C ASP A 255 -12.95 15.73 -15.31
N GLN A 256 -12.80 15.09 -16.48
CA GLN A 256 -13.93 14.47 -17.16
C GLN A 256 -13.76 12.98 -17.32
N ASP A 257 -12.81 12.39 -16.57
CA ASP A 257 -12.63 10.93 -16.56
C ASP A 257 -12.27 10.37 -17.95
N LEU A 258 -11.48 11.11 -18.70
CA LEU A 258 -11.15 10.72 -20.09
C LEU A 258 -9.67 10.67 -20.35
N TYR A 259 -9.27 9.82 -21.30
CA TYR A 259 -7.89 9.87 -21.80
C TYR A 259 -7.90 9.67 -23.33
N TYR A 260 -6.80 10.04 -23.99
CA TYR A 260 -6.77 9.99 -25.47
C TYR A 260 -5.44 9.58 -26.01
N ARG A 261 -5.48 8.97 -27.20
CA ARG A 261 -4.24 8.77 -27.99
C ARG A 261 -4.63 8.86 -29.46
N GLU A 262 -3.62 9.04 -30.30
CA GLU A 262 -3.85 8.98 -31.77
C GLU A 262 -3.75 7.55 -32.26
N HIS A 263 -4.50 7.22 -33.31
CA HIS A 263 -4.36 6.01 -34.09
C HIS A 263 -4.30 6.44 -35.56
N GLY A 264 -3.11 6.77 -36.02
CA GLY A 264 -3.00 7.36 -37.37
C GLY A 264 -3.79 8.68 -37.40
N ASP A 265 -4.71 8.85 -38.36
CA ASP A 265 -5.53 10.06 -38.38
C ASP A 265 -6.84 9.97 -37.57
N ARG A 266 -6.99 8.91 -36.78
CA ARG A 266 -8.19 8.72 -35.95
C ARG A 266 -7.78 8.97 -34.50
N TYR A 267 -8.77 9.23 -33.65
CA TYR A 267 -8.53 9.29 -32.21
C TYR A 267 -9.09 8.09 -31.48
N GLY A 268 -8.36 7.72 -30.42
CA GLY A 268 -8.85 6.72 -29.46
C GLY A 268 -9.24 7.48 -28.19
N ILE A 269 -10.38 7.11 -27.62
CA ILE A 269 -10.91 7.81 -26.41
C ILE A 269 -11.20 6.73 -25.38
N GLY A 270 -10.56 6.84 -24.21
CA GLY A 270 -10.93 5.96 -23.10
C GLY A 270 -11.76 6.74 -22.11
N SER A 271 -12.84 6.12 -21.63
CA SER A 271 -13.73 6.81 -20.70
C SER A 271 -13.96 5.95 -19.47
N TYR A 272 -13.74 6.57 -18.30
CA TYR A 272 -14.23 6.01 -17.02
C TYR A 272 -15.49 6.79 -16.55
N ALA A 273 -16.05 7.60 -17.46
CA ALA A 273 -17.15 8.51 -17.09
C ALA A 273 -18.47 7.81 -17.44
N HIS A 274 -18.65 6.66 -16.84
CA HIS A 274 -19.85 5.88 -16.98
C HIS A 274 -20.09 5.10 -15.70
N ARG A 275 -21.32 4.60 -15.54
CA ARG A 275 -21.67 3.74 -14.39
C ARG A 275 -20.68 2.57 -14.28
N PRO A 276 -20.35 2.13 -13.07
CA PRO A 276 -19.59 0.89 -12.96
C PRO A 276 -20.35 -0.26 -13.62
N MET A 277 -19.61 -1.16 -14.25
CA MET A 277 -20.18 -2.21 -15.07
C MET A 277 -19.56 -3.54 -14.62
N PRO A 278 -20.04 -4.09 -13.50
CA PRO A 278 -19.52 -5.39 -13.05
C PRO A 278 -19.88 -6.50 -14.05
N VAL A 279 -18.97 -7.45 -14.20
CA VAL A 279 -19.09 -8.58 -15.15
C VAL A 279 -18.98 -9.92 -14.43
N ASP A 280 -19.91 -10.83 -14.71
CA ASP A 280 -19.87 -12.18 -14.16
C ASP A 280 -19.11 -13.05 -15.14
N VAL A 281 -17.89 -13.47 -14.77
CA VAL A 281 -17.04 -14.18 -15.70
C VAL A 281 -17.64 -15.51 -16.16
N ASP A 282 -18.51 -16.08 -15.34
CA ASP A 282 -19.16 -17.36 -15.69
C ASP A 282 -20.20 -17.25 -16.81
N THR A 283 -20.54 -16.03 -17.21
CA THR A 283 -21.50 -15.82 -18.30
C THR A 283 -20.83 -15.54 -19.62
N LEU A 284 -19.52 -15.38 -19.64
CA LEU A 284 -18.85 -14.97 -20.88
C LEU A 284 -18.96 -15.99 -21.99
N GLY A 285 -19.02 -17.27 -21.63
CA GLY A 285 -19.05 -18.34 -22.62
C GLY A 285 -17.63 -18.74 -22.94
N ALA A 286 -17.41 -20.01 -23.26
CA ALA A 286 -16.07 -20.42 -23.66
C ALA A 286 -15.93 -20.05 -25.14
N TYR A 287 -14.84 -19.40 -25.50
CA TYR A 287 -14.58 -19.07 -26.90
C TYR A 287 -13.75 -20.20 -27.49
N ALA A 288 -14.25 -20.81 -28.56
CA ALA A 288 -13.40 -21.71 -29.31
C ALA A 288 -12.26 -20.87 -29.85
N PRO A 289 -11.03 -21.32 -29.66
CA PRO A 289 -9.84 -20.55 -30.01
C PRO A 289 -9.78 -20.11 -31.48
N GLU A 290 -10.36 -20.91 -32.37
CA GLU A 290 -10.39 -20.58 -33.80
C GLU A 290 -11.27 -19.36 -34.11
N THR A 291 -12.18 -19.02 -33.18
CA THR A 291 -13.09 -17.87 -33.38
C THR A 291 -12.54 -16.54 -32.81
N VAL A 292 -11.43 -16.59 -32.08
CA VAL A 292 -10.93 -15.39 -31.43
C VAL A 292 -10.28 -14.45 -32.45
N SER A 293 -10.75 -13.22 -32.48
CA SER A 293 -10.25 -12.22 -33.41
C SER A 293 -10.38 -10.83 -32.76
N GLU A 294 -9.88 -9.81 -33.44
CA GLU A 294 -9.80 -8.45 -32.87
C GLU A 294 -11.11 -8.00 -32.25
N HIS A 295 -12.23 -8.26 -32.91
CA HIS A 295 -13.52 -7.77 -32.42
C HIS A 295 -14.34 -8.85 -31.75
N HIS A 296 -13.76 -10.01 -31.53
CA HIS A 296 -14.49 -11.15 -30.98
C HIS A 296 -13.62 -11.93 -30.01
N MET A 297 -13.66 -11.55 -28.72
CA MET A 297 -12.77 -12.18 -27.73
C MET A 297 -13.40 -12.04 -26.37
N PRO A 298 -13.08 -12.92 -25.43
CA PRO A 298 -13.72 -12.89 -24.11
C PRO A 298 -13.71 -11.48 -23.43
N SER A 299 -12.61 -10.75 -23.59
CA SER A 299 -12.44 -9.46 -22.88
C SER A 299 -13.30 -8.31 -23.45
N ARG A 300 -13.89 -8.48 -24.63
CA ARG A 300 -14.67 -7.36 -25.23
C ARG A 300 -16.15 -7.62 -25.22
N LEU A 301 -16.92 -6.76 -24.55
CA LEU A 301 -18.35 -6.84 -24.56
C LEU A 301 -18.91 -5.80 -25.53
N ASP A 302 -20.17 -6.02 -25.94
CA ASP A 302 -20.84 -5.07 -26.83
C ASP A 302 -20.79 -3.63 -26.31
N PHE A 303 -20.50 -2.68 -27.20
CA PHE A 303 -20.52 -1.26 -26.84
C PHE A 303 -21.93 -0.79 -26.45
N THR A 304 -21.99 0.00 -25.39
CA THR A 304 -23.25 0.66 -25.04
C THR A 304 -23.15 2.17 -25.28
N LEU A 305 -23.58 2.58 -26.47
CA LEU A 305 -23.42 3.99 -26.86
C LEU A 305 -24.03 4.97 -25.87
N GLU A 306 -25.18 4.60 -25.28
CA GLU A 306 -25.87 5.52 -24.38
C GLU A 306 -24.98 5.97 -23.19
N ASP A 307 -24.07 5.08 -22.76
CA ASP A 307 -23.16 5.42 -21.65
C ASP A 307 -22.03 6.34 -22.07
N PHE A 308 -21.75 6.41 -23.39
CA PHE A 308 -20.64 7.17 -23.91
C PHE A 308 -21.04 8.59 -24.35
N LEU A 309 -22.35 8.85 -24.52
CA LEU A 309 -22.73 10.20 -25.04
C LEU A 309 -22.14 11.38 -24.28
N PRO A 310 -22.18 11.40 -22.93
CA PRO A 310 -21.58 12.52 -22.20
C PRO A 310 -20.08 12.68 -22.42
N ALA A 311 -19.37 11.56 -22.51
CA ALA A 311 -17.93 11.55 -22.76
C ALA A 311 -17.67 12.12 -24.14
N TRP A 312 -18.52 11.78 -25.10
CA TRP A 312 -18.33 12.30 -26.47
C TRP A 312 -18.50 13.82 -26.47
N GLU A 313 -19.52 14.32 -25.77
CA GLU A 313 -19.69 15.76 -25.67
C GLU A 313 -18.52 16.45 -24.98
N ALA A 314 -18.03 15.85 -23.89
CA ALA A 314 -16.87 16.46 -23.23
C ALA A 314 -15.62 16.44 -24.12
N THR A 315 -15.46 15.37 -24.89
CA THR A 315 -14.38 15.30 -25.90
C THR A 315 -14.43 16.42 -26.93
N LYS A 316 -15.60 16.66 -27.52
CA LYS A 316 -15.72 17.78 -28.49
C LYS A 316 -15.41 19.15 -27.89
N GLN A 317 -15.68 19.32 -26.61
CA GLN A 317 -15.34 20.56 -25.94
C GLN A 317 -13.85 20.73 -25.76
N LEU A 318 -13.16 19.66 -25.38
CA LEU A 318 -11.73 19.73 -25.18
C LEU A 318 -10.95 19.82 -26.50
N LEU A 319 -11.40 19.07 -27.50
CA LEU A 319 -10.68 18.89 -28.78
C LEU A 319 -11.69 19.14 -29.92
N PRO A 320 -11.99 20.42 -30.20
CA PRO A 320 -13.02 20.75 -31.18
C PRO A 320 -12.86 20.14 -32.57
N ALA A 321 -11.62 19.87 -33.01
CA ALA A 321 -11.42 19.19 -34.28
C ALA A 321 -12.17 17.85 -34.35
N LEU A 322 -12.39 17.19 -33.20
CA LEU A 322 -13.09 15.93 -33.22
C LEU A 322 -14.60 16.05 -33.50
N ALA A 323 -15.14 17.26 -33.41
CA ALA A 323 -16.55 17.45 -33.74
C ALA A 323 -16.78 17.23 -35.25
N ASP A 324 -15.71 17.30 -36.04
CA ASP A 324 -15.81 16.98 -37.49
C ASP A 324 -15.52 15.52 -37.82
N SER A 325 -15.50 14.67 -36.79
CA SER A 325 -15.48 13.23 -36.97
C SER A 325 -16.69 12.62 -36.29
N GLU A 326 -16.81 11.31 -36.40
CA GLU A 326 -17.90 10.53 -35.81
C GLU A 326 -17.37 9.37 -35.02
N ILE A 327 -18.20 8.83 -34.13
CA ILE A 327 -17.83 7.57 -33.52
C ILE A 327 -17.78 6.45 -34.60
N GLU A 328 -16.67 5.72 -34.69
CA GLU A 328 -16.52 4.61 -35.65
C GLU A 328 -16.81 3.29 -34.97
N ASP A 329 -16.04 2.96 -33.93
CA ASP A 329 -16.27 1.70 -33.24
C ASP A 329 -15.99 1.90 -31.78
N GLY A 330 -16.73 1.20 -30.95
CA GLY A 330 -16.46 1.24 -29.52
C GLY A 330 -16.58 -0.17 -28.98
N PHE A 331 -16.07 -0.41 -27.78
CA PHE A 331 -16.42 -1.65 -27.06
C PHE A 331 -16.39 -1.39 -25.56
N ASN A 332 -16.98 -2.30 -24.79
CA ASN A 332 -16.94 -2.20 -23.34
C ASN A 332 -15.92 -3.29 -22.92
N GLY A 333 -14.69 -2.88 -22.57
CA GLY A 333 -13.63 -3.84 -22.33
C GLY A 333 -13.43 -4.24 -20.88
N ILE A 334 -13.24 -5.53 -20.62
CA ILE A 334 -13.23 -6.02 -19.23
C ILE A 334 -11.79 -5.95 -18.71
N PHE A 335 -11.60 -5.43 -17.50
CA PHE A 335 -10.35 -5.60 -16.74
C PHE A 335 -10.64 -5.68 -15.25
N SER A 336 -9.64 -5.54 -14.40
CA SER A 336 -9.82 -5.81 -12.95
C SER A 336 -9.68 -4.57 -12.12
N PHE A 337 -10.53 -4.48 -11.08
CA PHE A 337 -10.33 -3.46 -10.05
C PHE A 337 -10.26 -4.14 -8.70
N THR A 338 -9.61 -3.49 -7.73
CA THR A 338 -9.50 -4.08 -6.37
C THR A 338 -9.96 -3.06 -5.33
N PRO A 339 -10.16 -3.51 -4.08
CA PRO A 339 -10.67 -2.57 -3.04
C PRO A 339 -9.83 -1.31 -2.81
N ASP A 340 -8.51 -1.41 -2.97
CA ASP A 340 -7.65 -0.25 -2.71
C ASP A 340 -6.87 0.24 -3.94
N GLY A 341 -7.22 -0.31 -5.11
CA GLY A 341 -6.54 0.04 -6.36
C GLY A 341 -5.16 -0.56 -6.55
N GLY A 342 -4.70 -1.36 -5.58
CA GLY A 342 -3.39 -2.00 -5.66
C GLY A 342 -3.50 -3.36 -6.35
N PRO A 343 -2.38 -3.86 -6.90
CA PRO A 343 -2.39 -5.21 -7.50
C PRO A 343 -2.40 -6.30 -6.42
N LEU A 344 -2.39 -7.55 -6.84
CA LEU A 344 -2.48 -8.70 -5.91
C LEU A 344 -1.33 -9.62 -6.22
N LEU A 345 -0.29 -9.57 -5.38
CA LEU A 345 0.94 -10.37 -5.67
C LEU A 345 1.26 -11.28 -4.49
N GLY A 346 1.91 -12.39 -4.77
CA GLY A 346 2.56 -13.15 -3.69
C GLY A 346 2.00 -14.55 -3.53
N GLU A 347 2.50 -15.22 -2.50
CA GLU A 347 2.12 -16.61 -2.22
C GLU A 347 0.79 -16.70 -1.48
N SER A 348 -0.07 -17.60 -1.94
CA SER A 348 -1.35 -17.83 -1.32
C SER A 348 -1.23 -18.30 0.15
N LYS A 349 -2.21 -17.93 0.97
CA LYS A 349 -2.29 -18.47 2.34
C LYS A 349 -2.61 -19.97 2.35
N GLU A 350 -3.41 -20.39 1.35
CA GLU A 350 -4.03 -21.72 1.34
C GLU A 350 -3.14 -22.82 0.81
N LEU A 351 -2.15 -22.49 -0.01
CA LEU A 351 -1.41 -23.54 -0.72
C LEU A 351 0.04 -23.11 -0.96
N ASP A 352 0.97 -23.85 -0.37
CA ASP A 352 2.39 -23.62 -0.59
C ASP A 352 2.73 -23.80 -2.07
N GLY A 353 3.54 -22.88 -2.58
CA GLY A 353 4.01 -22.92 -3.97
C GLY A 353 3.04 -22.36 -4.98
N PHE A 354 1.88 -21.90 -4.53
CA PHE A 354 0.91 -21.28 -5.44
C PHE A 354 0.91 -19.76 -5.24
N TYR A 355 1.19 -19.04 -6.35
CA TYR A 355 1.35 -17.58 -6.27
C TYR A 355 0.35 -16.91 -7.18
N VAL A 356 0.05 -15.63 -6.86
CA VAL A 356 -0.75 -14.78 -7.74
C VAL A 356 0.06 -13.60 -8.23
N ALA A 357 -0.28 -13.14 -9.44
CA ALA A 357 0.22 -11.83 -9.94
C ALA A 357 -0.89 -11.26 -10.85
N GLU A 358 -1.86 -10.61 -10.22
CA GLU A 358 -3.14 -10.25 -10.85
C GLU A 358 -3.61 -8.83 -10.47
N ALA A 359 -4.47 -8.29 -11.35
CA ALA A 359 -4.96 -6.89 -11.27
C ALA A 359 -3.81 -5.93 -11.47
N VAL A 360 -3.20 -6.06 -12.67
CA VAL A 360 -2.00 -5.31 -13.02
C VAL A 360 -2.24 -4.60 -14.33
N TRP A 361 -2.07 -3.27 -14.35
CA TRP A 361 -2.17 -2.52 -15.62
C TRP A 361 -1.02 -2.84 -16.56
N VAL A 362 -1.18 -2.65 -17.88
CA VAL A 362 -0.02 -2.80 -18.78
C VAL A 362 1.14 -1.93 -18.28
N THR A 363 0.81 -0.73 -17.82
CA THR A 363 1.78 0.24 -17.27
C THR A 363 2.77 -0.35 -16.25
N HIS A 364 2.29 -1.28 -15.42
CA HIS A 364 3.19 -1.77 -14.35
C HIS A 364 3.66 -3.19 -14.58
N SER A 365 3.25 -3.78 -15.70
CA SER A 365 3.35 -5.23 -15.94
C SER A 365 4.78 -5.77 -15.82
N ALA A 366 5.77 -5.09 -16.42
CA ALA A 366 7.13 -5.63 -16.41
C ALA A 366 7.75 -5.51 -15.02
N GLY A 367 7.36 -4.47 -14.27
CA GLY A 367 7.84 -4.30 -12.90
C GLY A 367 7.27 -5.36 -11.97
N VAL A 368 5.98 -5.67 -12.09
CA VAL A 368 5.39 -6.76 -11.32
C VAL A 368 6.11 -8.10 -11.66
N ALA A 369 6.34 -8.32 -12.95
CA ALA A 369 6.95 -9.58 -13.37
C ALA A 369 8.37 -9.70 -12.78
N LYS A 370 9.10 -8.60 -12.82
CA LYS A 370 10.48 -8.61 -12.26
C LYS A 370 10.44 -8.92 -10.77
N ALA A 371 9.57 -8.23 -10.03
CA ALA A 371 9.43 -8.45 -8.58
C ALA A 371 9.07 -9.91 -8.27
N MET A 372 8.14 -10.47 -9.05
CA MET A 372 7.73 -11.87 -8.83
C MET A 372 8.83 -12.83 -9.20
N ALA A 373 9.57 -12.53 -10.26
CA ALA A 373 10.76 -13.37 -10.60
C ALA A 373 11.80 -13.34 -9.47
N GLU A 374 12.03 -12.17 -8.89
CA GLU A 374 12.94 -12.03 -7.75
C GLU A 374 12.40 -12.82 -6.58
N LEU A 375 11.10 -12.72 -6.29
CA LEU A 375 10.52 -13.45 -5.19
C LEU A 375 10.70 -14.97 -5.34
N LEU A 376 10.47 -15.47 -6.55
CA LEU A 376 10.49 -16.91 -6.76
C LEU A 376 11.93 -17.42 -6.70
N THR A 377 12.85 -16.67 -7.30
CA THR A 377 14.23 -17.19 -7.46
C THR A 377 15.15 -16.93 -6.26
N THR A 378 14.85 -15.93 -5.45
CA THR A 378 15.71 -15.59 -4.29
C THR A 378 14.95 -15.62 -2.97
N GLY A 379 13.62 -15.63 -2.98
CA GLY A 379 12.85 -15.59 -1.74
C GLY A 379 12.41 -14.18 -1.33
N ARG A 380 12.87 -13.17 -2.09
CA ARG A 380 12.42 -11.80 -1.82
C ARG A 380 12.40 -10.93 -3.08
N SER A 381 11.49 -9.94 -3.08
CA SER A 381 11.49 -8.89 -4.12
C SER A 381 12.46 -7.76 -3.72
N GLU A 382 13.15 -7.19 -4.70
CA GLU A 382 13.98 -6.02 -4.49
C GLU A 382 13.21 -4.72 -4.33
N THR A 383 11.91 -4.75 -4.62
CA THR A 383 11.03 -3.59 -4.43
C THR A 383 10.01 -3.90 -3.32
N ASP A 384 9.73 -2.93 -2.44
CA ASP A 384 8.74 -3.10 -1.35
C ASP A 384 7.37 -3.51 -1.91
N LEU A 385 6.85 -4.68 -1.48
CA LEU A 385 5.54 -5.12 -1.95
C LEU A 385 4.45 -4.96 -0.88
N GLY A 386 4.68 -4.15 0.16
CA GLY A 386 3.66 -4.02 1.20
C GLY A 386 2.27 -3.59 0.74
N GLU A 387 2.22 -2.76 -0.30
CA GLU A 387 0.91 -2.33 -0.83
C GLU A 387 0.33 -3.25 -1.91
N CYS A 388 1.08 -4.28 -2.27
CA CYS A 388 0.80 -5.18 -3.37
C CYS A 388 0.52 -6.61 -2.89
N ASP A 389 0.92 -6.94 -1.67
CA ASP A 389 0.86 -8.33 -1.21
C ASP A 389 -0.57 -8.74 -1.00
N ILE A 390 -0.95 -9.89 -1.56
CA ILE A 390 -2.33 -10.41 -1.38
C ILE A 390 -2.74 -10.61 0.10
N THR A 391 -1.76 -10.83 0.97
CA THR A 391 -2.05 -11.02 2.38
C THR A 391 -2.29 -9.74 3.17
N ARG A 392 -2.32 -8.58 2.51
CA ARG A 392 -2.57 -7.31 3.25
C ARG A 392 -4.00 -7.21 3.76
N PHE A 393 -4.91 -7.95 3.17
CA PHE A 393 -6.32 -7.78 3.49
C PHE A 393 -6.79 -8.46 4.77
N GLU A 394 -7.68 -7.77 5.51
CA GLU A 394 -8.35 -8.36 6.65
C GLU A 394 -9.50 -9.21 6.17
N ASP A 395 -10.00 -10.10 7.04
CA ASP A 395 -11.01 -11.04 6.62
C ASP A 395 -12.31 -10.35 6.16
N VAL A 396 -12.75 -9.25 6.81
CA VAL A 396 -13.96 -8.57 6.33
C VAL A 396 -13.76 -7.94 4.97
N GLN A 397 -12.50 -7.79 4.56
CA GLN A 397 -12.22 -7.12 3.28
C GLN A 397 -12.15 -8.10 2.10
N LEU A 398 -12.35 -9.39 2.42
CA LEU A 398 -12.27 -10.44 1.39
C LEU A 398 -13.65 -10.98 0.99
N THR A 399 -14.76 -10.50 1.59
CA THR A 399 -16.05 -11.06 1.23
C THR A 399 -16.40 -10.59 -0.20
N PRO A 400 -17.13 -11.40 -0.95
CA PRO A 400 -17.58 -10.95 -2.29
C PRO A 400 -18.29 -9.58 -2.24
N GLU A 401 -19.11 -9.36 -1.20
CA GLU A 401 -19.86 -8.08 -1.07
C GLU A 401 -18.90 -6.89 -0.89
N TYR A 402 -17.88 -7.05 -0.03
CA TYR A 402 -16.94 -5.96 0.19
C TYR A 402 -16.15 -5.69 -1.11
N VAL A 403 -15.66 -6.77 -1.73
CA VAL A 403 -14.84 -6.61 -2.92
C VAL A 403 -15.69 -5.94 -4.00
N SER A 404 -16.95 -6.35 -4.18
CA SER A 404 -17.77 -5.69 -5.22
C SER A 404 -18.04 -4.19 -4.94
N GLU A 405 -18.44 -3.86 -3.72
CA GLU A 405 -18.80 -2.48 -3.42
C GLU A 405 -17.56 -1.55 -3.53
N THR A 406 -16.46 -1.96 -2.88
CA THR A 406 -15.30 -1.07 -2.80
C THR A 406 -14.57 -1.00 -4.14
N SER A 407 -14.60 -2.09 -4.93
CA SER A 407 -13.91 -2.01 -6.20
C SER A 407 -14.70 -1.16 -7.20
N GLN A 408 -16.02 -1.20 -7.13
CA GLN A 408 -16.83 -0.30 -7.94
C GLN A 408 -16.60 1.15 -7.54
N GLN A 409 -16.51 1.44 -6.23
CA GLN A 409 -16.18 2.80 -5.80
C GLN A 409 -14.77 3.24 -6.28
N ASN A 410 -13.81 2.31 -6.32
CA ASN A 410 -12.45 2.60 -6.82
C ASN A 410 -12.53 2.97 -8.31
N PHE A 411 -13.39 2.29 -9.07
CA PHE A 411 -13.62 2.65 -10.49
C PHE A 411 -14.21 4.03 -10.60
N VAL A 412 -15.26 4.30 -9.83
CA VAL A 412 -15.90 5.63 -9.86
C VAL A 412 -14.89 6.75 -9.54
N GLU A 413 -13.98 6.48 -8.63
CA GLU A 413 -13.03 7.50 -8.15
C GLU A 413 -11.68 7.48 -8.83
N ILE A 414 -11.54 6.66 -9.88
CA ILE A 414 -10.19 6.35 -10.39
C ILE A 414 -9.34 7.58 -10.74
N TYR A 415 -10.00 8.61 -11.29
CA TYR A 415 -9.30 9.81 -11.71
C TYR A 415 -9.60 11.02 -10.82
N ASP A 416 -10.20 10.81 -9.65
CA ASP A 416 -10.58 11.93 -8.76
C ASP A 416 -9.40 12.44 -7.94
N VAL A 417 -9.42 13.74 -7.61
CA VAL A 417 -8.50 14.29 -6.58
C VAL A 417 -9.00 13.94 -5.18
N LEU A 418 -8.15 13.22 -4.43
CA LEU A 418 -8.55 12.71 -3.12
C LEU A 418 -7.46 12.97 -2.09
N HIS A 419 -7.84 13.38 -0.89
CA HIS A 419 -6.89 13.55 0.23
C HIS A 419 -6.46 12.20 0.77
N PRO A 420 -5.22 12.10 1.24
CA PRO A 420 -4.71 10.82 1.78
C PRO A 420 -5.54 10.24 2.93
N LEU A 421 -6.26 11.06 3.69
CA LEU A 421 -7.10 10.54 4.78
C LEU A 421 -8.57 10.35 4.40
N GLN A 422 -8.93 10.62 3.14
CA GLN A 422 -10.34 10.50 2.72
C GLN A 422 -10.94 9.12 3.04
N PRO A 423 -11.98 9.05 3.88
CA PRO A 423 -12.65 7.79 4.17
C PRO A 423 -13.68 7.43 3.11
N ARG A 424 -14.00 6.14 3.00
CA ARG A 424 -15.23 5.72 2.32
C ARG A 424 -16.40 6.04 3.20
N LEU A 425 -17.56 6.32 2.58
CA LEU A 425 -18.79 6.49 3.34
C LEU A 425 -19.58 5.18 3.57
N SER A 426 -19.22 4.17 2.78
CA SER A 426 -19.78 2.81 2.89
C SER A 426 -18.82 1.83 2.21
N PRO A 427 -18.65 0.61 2.69
CA PRO A 427 -19.27 0.08 3.92
C PRO A 427 -18.50 0.59 5.15
N ARG A 428 -19.25 0.92 6.22
CA ARG A 428 -18.59 1.36 7.44
C ARG A 428 -19.17 0.58 8.61
N ASN A 429 -18.56 0.79 9.78
CA ASN A 429 -19.00 0.12 11.05
C ASN A 429 -18.91 -1.39 10.96
N LEU A 430 -17.96 -1.92 10.21
CA LEU A 430 -17.81 -3.39 10.12
C LEU A 430 -17.22 -3.90 11.44
N ARG A 431 -16.15 -3.26 11.92
CA ARG A 431 -15.47 -3.73 13.14
C ARG A 431 -15.41 -2.60 14.14
N VAL A 432 -15.92 -2.83 15.36
CA VAL A 432 -15.82 -1.80 16.39
C VAL A 432 -15.22 -2.37 17.67
N SER A 433 -14.54 -1.54 18.44
CA SER A 433 -14.05 -1.99 19.73
C SER A 433 -15.16 -2.04 20.80
N PRO A 434 -14.88 -2.65 21.96
CA PRO A 434 -15.90 -2.68 23.04
C PRO A 434 -16.27 -1.32 23.61
N PHE A 435 -15.51 -0.30 23.27
CA PHE A 435 -15.72 1.07 23.81
C PHE A 435 -16.57 1.93 22.91
N HIS A 436 -17.08 1.35 21.82
CA HIS A 436 -17.76 2.14 20.77
C HIS A 436 -18.88 3.01 21.28
N ALA A 437 -19.78 2.47 22.12
CA ALA A 437 -20.87 3.34 22.60
C ALA A 437 -20.36 4.49 23.42
N ARG A 438 -19.33 4.24 24.24
CA ARG A 438 -18.75 5.33 25.06
C ARG A 438 -18.10 6.38 24.17
N HIS A 439 -17.44 5.92 23.12
CA HIS A 439 -16.80 6.84 22.17
C HIS A 439 -17.83 7.75 21.51
N LYS A 440 -18.97 7.17 21.12
CA LYS A 440 -20.03 7.97 20.49
C LYS A 440 -20.61 8.96 21.49
N GLU A 441 -20.77 8.59 22.77
CA GLU A 441 -21.20 9.55 23.84
C GLU A 441 -20.27 10.77 23.86
N LEU A 442 -18.98 10.53 23.63
CA LEU A 442 -17.95 11.58 23.68
C LEU A 442 -17.73 12.29 22.33
N GLY A 443 -18.56 12.00 21.34
CA GLY A 443 -18.46 12.69 20.05
C GLY A 443 -17.24 12.35 19.22
N ALA A 444 -16.90 11.06 19.19
CA ALA A 444 -15.77 10.63 18.39
C ALA A 444 -16.01 10.98 16.93
N PHE A 445 -14.92 11.41 16.30
CA PHE A 445 -14.83 11.53 14.84
C PHE A 445 -14.08 10.32 14.34
N PHE A 446 -14.79 9.41 13.66
CA PHE A 446 -14.20 8.11 13.26
C PHE A 446 -13.72 8.11 11.80
N LEU A 447 -12.52 7.55 11.60
CA LEU A 447 -12.07 7.13 10.28
C LEU A 447 -11.83 5.64 10.36
N GLU A 448 -11.59 4.99 9.23
CA GLU A 448 -11.55 3.56 9.23
C GLU A 448 -10.27 3.03 8.59
N ALA A 449 -9.76 1.93 9.12
CA ALA A 449 -8.66 1.20 8.46
C ALA A 449 -8.74 -0.28 8.85
N GLY A 450 -8.55 -1.15 7.84
CA GLY A 450 -8.69 -2.60 8.05
C GLY A 450 -10.08 -3.03 8.50
N GLY A 451 -11.10 -2.22 8.23
CA GLY A 451 -12.45 -2.48 8.68
C GLY A 451 -12.77 -1.91 10.06
N TRP A 452 -11.76 -1.50 10.82
CA TRP A 452 -11.99 -0.97 12.19
C TRP A 452 -12.34 0.53 12.16
N GLU A 453 -13.32 0.94 12.96
CA GLU A 453 -13.64 2.33 13.22
C GLU A 453 -12.73 2.87 14.30
N ARG A 454 -12.00 3.93 13.97
CA ARG A 454 -10.95 4.48 14.86
C ARG A 454 -11.20 5.98 15.09
N PRO A 455 -11.41 6.40 16.35
CA PRO A 455 -11.56 7.83 16.64
C PRO A 455 -10.29 8.59 16.35
N TYR A 456 -10.42 9.71 15.64
CA TYR A 456 -9.24 10.56 15.34
C TYR A 456 -9.15 11.71 16.35
N TRP A 457 -10.29 12.04 16.97
CA TRP A 457 -10.41 13.04 18.06
C TRP A 457 -11.85 12.91 18.60
N PHE A 458 -12.09 13.61 19.71
CA PHE A 458 -13.42 13.56 20.36
C PHE A 458 -13.98 14.95 20.53
N GLU A 459 -15.18 15.20 19.98
CA GLU A 459 -15.81 16.51 20.10
C GLU A 459 -16.01 16.97 21.56
N ALA A 460 -16.17 16.05 22.51
CA ALA A 460 -16.24 16.39 23.95
C ALA A 460 -15.04 17.29 24.36
N ASN A 461 -13.88 17.03 23.76
CA ASN A 461 -12.69 17.75 24.15
C ASN A 461 -12.63 19.18 23.61
N ALA A 462 -13.60 19.56 22.78
CA ALA A 462 -13.58 20.94 22.27
C ALA A 462 -13.77 21.89 23.46
N ALA A 463 -14.48 21.41 24.48
CA ALA A 463 -14.74 22.26 25.66
C ALA A 463 -13.46 22.65 26.41
N LEU A 464 -12.37 21.90 26.21
CA LEU A 464 -11.09 22.20 26.84
C LEU A 464 -10.28 23.28 26.19
N LEU A 465 -10.62 23.63 24.94
CA LEU A 465 -9.74 24.55 24.20
C LEU A 465 -9.68 25.91 24.92
N LYS A 466 -10.79 26.33 25.50
CA LYS A 466 -10.77 27.66 26.14
C LYS A 466 -9.94 27.75 27.41
N GLU A 467 -9.55 26.64 27.99
CA GLU A 467 -8.61 26.71 29.11
C GLU A 467 -7.18 26.26 28.74
N MET A 468 -6.94 25.90 27.48
CA MET A 468 -5.62 25.42 27.08
C MET A 468 -4.58 26.55 27.06
N PRO A 469 -3.39 26.34 27.65
CA PRO A 469 -2.34 27.39 27.61
C PRO A 469 -1.95 27.74 26.17
N ALA A 470 -1.69 29.04 25.94
CA ALA A 470 -1.42 29.52 24.60
C ALA A 470 -0.28 28.79 23.89
N GLU A 471 0.72 28.31 24.63
CA GLU A 471 1.86 27.63 23.96
C GLU A 471 1.41 26.39 23.15
N TRP A 472 0.25 25.82 23.52
CA TRP A 472 -0.27 24.59 22.87
C TRP A 472 -1.13 24.85 21.62
N LEU A 473 -1.60 26.08 21.43
CA LEU A 473 -2.45 26.42 20.28
C LEU A 473 -1.66 26.49 18.96
N PRO A 474 -1.98 25.62 17.98
CA PRO A 474 -1.26 25.64 16.70
C PRO A 474 -1.77 26.77 15.80
N PRO A 475 -0.98 27.11 14.81
CA PRO A 475 -1.46 28.11 13.85
C PRO A 475 -2.56 27.56 12.94
N ALA A 476 -3.18 28.44 12.15
CA ALA A 476 -4.17 28.00 11.16
C ALA A 476 -3.55 27.04 10.16
N ARG A 477 -4.36 26.11 9.68
CA ARG A 477 -3.94 25.20 8.62
C ARG A 477 -4.49 25.62 7.28
N ASP A 478 -3.76 25.32 6.22
CA ASP A 478 -4.32 25.49 4.89
C ASP A 478 -5.43 24.46 4.61
N ALA A 479 -6.19 24.65 3.54
CA ALA A 479 -7.33 23.77 3.28
C ALA A 479 -6.90 22.30 3.19
N TRP A 480 -5.81 22.00 2.47
CA TRP A 480 -5.46 20.57 2.25
C TRP A 480 -5.00 19.89 3.55
N SER A 481 -4.03 20.48 4.25
CA SER A 481 -3.59 19.87 5.52
C SER A 481 -4.67 19.96 6.60
N GLY A 482 -5.65 20.87 6.43
CA GLY A 482 -6.78 20.98 7.36
C GLY A 482 -7.86 19.90 7.17
N MET A 483 -7.84 19.19 6.04
CA MET A 483 -8.84 18.12 5.82
C MET A 483 -8.60 16.95 6.81
N PHE A 484 -9.70 16.49 7.40
CA PHE A 484 -9.66 15.37 8.35
C PHE A 484 -8.68 15.68 9.48
N SER A 485 -8.73 16.93 9.93
CA SER A 485 -7.90 17.45 11.03
C SER A 485 -8.75 18.37 11.88
N SER A 486 -8.39 18.49 13.17
CA SER A 486 -9.08 19.42 14.03
C SER A 486 -8.10 20.05 15.02
N PRO A 487 -8.34 21.30 15.42
CA PRO A 487 -7.62 21.89 16.57
C PRO A 487 -7.84 21.12 17.88
N ILE A 488 -8.87 20.29 17.95
CA ILE A 488 -9.15 19.50 19.16
C ILE A 488 -7.97 18.60 19.45
N ALA A 489 -7.25 18.16 18.42
CA ALA A 489 -6.13 17.26 18.59
C ALA A 489 -5.03 17.93 19.49
N ALA A 490 -4.91 19.26 19.41
CA ALA A 490 -3.93 19.96 20.26
C ALA A 490 -4.28 19.81 21.72
N ALA A 491 -5.56 19.92 22.03
CA ALA A 491 -6.01 19.75 23.39
C ALA A 491 -5.79 18.36 23.89
N GLU A 492 -5.97 17.37 23.01
CA GLU A 492 -5.77 15.97 23.42
C GLU A 492 -4.28 15.71 23.66
N ALA A 493 -3.42 16.35 22.88
CA ALA A 493 -1.97 16.23 23.10
C ALA A 493 -1.59 16.90 24.41
N TRP A 494 -2.16 18.09 24.63
CA TRP A 494 -1.88 18.85 25.87
C TRP A 494 -2.21 17.99 27.11
N LYS A 495 -3.39 17.38 27.12
CA LYS A 495 -3.82 16.61 28.28
C LYS A 495 -3.03 15.28 28.42
N THR A 496 -2.60 14.68 27.29
CA THR A 496 -1.74 13.49 27.39
C THR A 496 -0.39 13.84 28.06
N ARG A 497 0.14 15.02 27.73
CA ARG A 497 1.46 15.46 28.24
C ARG A 497 1.37 15.97 29.71
N THR A 498 0.19 16.41 30.15
CA THR A 498 0.05 17.08 31.46
C THR A 498 -0.92 16.45 32.45
N ALA A 499 -1.77 15.51 31.99
CA ALA A 499 -2.77 14.92 32.85
C ALA A 499 -2.80 13.42 32.61
N VAL A 500 -3.90 12.91 32.06
CA VAL A 500 -3.97 11.49 31.78
C VAL A 500 -5.02 11.26 30.69
N ALA A 501 -4.72 10.35 29.78
CA ALA A 501 -5.56 10.09 28.61
C ALA A 501 -5.77 8.61 28.35
N MET A 502 -6.92 8.27 27.74
CA MET A 502 -7.27 6.87 27.42
C MET A 502 -7.37 6.72 25.90
N TYR A 503 -6.41 5.99 25.33
CA TYR A 503 -6.38 5.74 23.86
C TYR A 503 -6.91 4.37 23.55
N ASP A 504 -7.66 4.22 22.45
CA ASP A 504 -8.16 2.92 22.08
C ASP A 504 -7.16 2.23 21.17
N MET A 505 -6.49 1.23 21.71
CA MET A 505 -5.46 0.51 20.97
C MET A 505 -5.98 -0.83 20.44
N THR A 506 -7.28 -1.03 20.55
CA THR A 506 -7.89 -2.32 20.14
C THR A 506 -7.55 -2.73 18.70
N PRO A 507 -7.59 -1.83 17.72
CA PRO A 507 -7.35 -2.25 16.34
C PRO A 507 -5.93 -2.72 16.03
N LEU A 508 -4.95 -2.43 16.86
CA LEU A 508 -3.55 -2.81 16.54
C LEU A 508 -3.42 -4.34 16.57
N LYS A 509 -2.90 -4.88 15.47
CA LYS A 509 -2.86 -6.33 15.29
C LYS A 509 -2.24 -7.07 16.46
N ARG A 510 -2.96 -8.08 16.95
CA ARG A 510 -2.55 -8.81 18.16
C ARG A 510 -2.51 -10.28 17.81
N LEU A 511 -1.32 -10.89 17.89
CA LEU A 511 -1.19 -12.31 17.61
C LEU A 511 -0.79 -13.07 18.86
N GLU A 512 -1.33 -14.27 19.03
CA GLU A 512 -0.84 -15.16 20.09
C GLU A 512 -0.10 -16.33 19.45
N VAL A 513 1.14 -16.54 19.89
CA VAL A 513 1.98 -17.65 19.35
C VAL A 513 2.19 -18.60 20.54
N SER A 514 1.71 -19.83 20.42
CA SER A 514 1.70 -20.75 21.56
C SER A 514 2.14 -22.15 21.20
N GLY A 515 2.51 -22.91 22.22
CA GLY A 515 3.06 -24.25 22.00
C GLY A 515 4.50 -24.42 22.39
N PRO A 516 4.93 -25.68 22.52
CA PRO A 516 6.28 -25.94 22.97
C PRO A 516 7.33 -25.45 21.96
N GLY A 517 6.95 -25.26 20.70
CA GLY A 517 7.81 -24.71 19.69
C GLY A 517 7.76 -23.16 19.53
N ALA A 518 6.95 -22.46 20.33
CA ALA A 518 6.80 -21.01 20.15
C ALA A 518 8.12 -20.23 20.30
N LEU A 519 8.90 -20.52 21.35
CA LEU A 519 10.15 -19.81 21.56
C LEU A 519 11.11 -20.05 20.42
N LYS A 520 11.26 -21.32 20.02
CA LYS A 520 12.12 -21.68 18.91
C LYS A 520 11.77 -20.90 17.63
N LEU A 521 10.47 -20.83 17.33
CA LEU A 521 10.04 -20.12 16.12
C LEU A 521 10.45 -18.66 16.17
N LEU A 522 10.15 -18.01 17.30
CA LEU A 522 10.39 -16.58 17.41
C LEU A 522 11.86 -16.24 17.53
N GLN A 523 12.65 -17.12 18.15
CA GLN A 523 14.10 -16.94 18.19
C GLN A 523 14.72 -16.91 16.76
N GLU A 524 14.18 -17.72 15.83
CA GLU A 524 14.68 -17.66 14.48
C GLU A 524 14.13 -16.50 13.67
N LEU A 525 12.88 -16.12 13.89
CA LEU A 525 12.26 -15.12 13.00
C LEU A 525 12.62 -13.70 13.36
N THR A 526 12.89 -13.43 14.64
CA THR A 526 13.11 -12.04 15.13
C THR A 526 14.57 -11.77 15.39
N THR A 527 14.88 -10.51 15.69
CA THR A 527 16.26 -10.06 15.94
C THR A 527 16.57 -9.95 17.45
N ALA A 528 15.71 -10.50 18.29
CA ALA A 528 15.86 -10.43 19.75
C ALA A 528 16.19 -11.79 20.35
N ASP A 529 16.87 -11.76 21.50
CA ASP A 529 17.00 -12.97 22.28
C ASP A 529 15.83 -13.01 23.24
N LEU A 530 14.86 -13.85 22.89
CA LEU A 530 13.60 -13.89 23.64
C LEU A 530 13.59 -14.95 24.73
N ALA A 531 14.72 -15.63 24.93
CA ALA A 531 14.78 -16.74 25.89
C ALA A 531 15.06 -16.16 27.26
N LYS A 532 14.07 -15.49 27.80
CA LYS A 532 14.16 -14.92 29.15
C LYS A 532 12.95 -15.34 29.98
N LYS A 533 13.07 -15.33 31.31
CA LYS A 533 11.92 -15.71 32.12
C LYS A 533 10.73 -14.82 31.71
N PRO A 534 9.52 -15.39 31.66
CA PRO A 534 8.30 -14.68 31.28
C PRO A 534 8.08 -13.36 31.99
N GLY A 535 7.51 -12.41 31.25
CA GLY A 535 7.19 -11.12 31.80
C GLY A 535 7.88 -10.00 31.03
N ALA A 536 8.85 -10.36 30.19
CA ALA A 536 9.59 -9.35 29.45
C ALA A 536 8.81 -8.94 28.20
N VAL A 537 8.84 -7.64 27.89
CA VAL A 537 8.28 -7.10 26.65
C VAL A 537 9.49 -6.63 25.82
N THR A 538 9.61 -7.10 24.58
CA THR A 538 10.76 -6.73 23.75
C THR A 538 10.32 -6.19 22.41
N TYR A 539 10.82 -5.02 22.08
CA TYR A 539 10.66 -4.48 20.73
C TYR A 539 11.70 -5.15 19.85
N THR A 540 11.24 -5.66 18.71
CA THR A 540 12.14 -6.39 17.82
C THR A 540 11.74 -6.28 16.35
N LEU A 541 12.62 -6.75 15.45
CA LEU A 541 12.35 -6.64 14.00
C LEU A 541 12.19 -8.04 13.40
N LEU A 542 11.44 -8.13 12.32
CA LEU A 542 11.47 -9.29 11.47
C LEU A 542 12.22 -8.87 10.23
N LEU A 543 13.29 -9.58 9.89
CA LEU A 543 13.99 -9.29 8.65
C LEU A 543 13.71 -10.34 7.57
N ASP A 544 14.01 -10.01 6.31
CA ASP A 544 14.20 -11.06 5.30
C ASP A 544 15.68 -11.49 5.22
N HIS A 545 15.96 -12.48 4.36
CA HIS A 545 17.33 -12.99 4.24
C HIS A 545 18.35 -11.95 3.72
N ALA A 546 17.90 -10.87 3.08
CA ALA A 546 18.80 -9.77 2.70
C ALA A 546 18.99 -8.71 3.75
N GLY A 547 18.34 -8.88 4.90
CA GLY A 547 18.49 -7.94 5.98
C GLY A 547 17.53 -6.75 5.93
N GLY A 548 16.62 -6.78 4.95
CA GLY A 548 15.59 -5.77 4.85
C GLY A 548 14.53 -5.95 5.95
N VAL A 549 13.87 -4.85 6.33
CA VAL A 549 12.94 -4.89 7.47
C VAL A 549 11.51 -5.24 6.99
N ARG A 550 11.09 -6.47 7.25
CA ARG A 550 9.72 -6.93 6.92
C ARG A 550 8.69 -6.38 7.89
N SER A 551 9.09 -6.11 9.12
CA SER A 551 8.13 -5.65 10.12
C SER A 551 8.86 -5.27 11.38
N ASP A 552 8.26 -4.41 12.20
CA ASP A 552 8.70 -4.27 13.61
C ASP A 552 7.58 -4.82 14.51
N ILE A 553 7.94 -5.47 15.62
CA ILE A 553 6.97 -6.23 16.42
C ILE A 553 7.27 -5.98 17.89
N THR A 554 6.26 -5.96 18.74
CA THR A 554 6.55 -6.00 20.18
C THR A 554 6.18 -7.41 20.66
N VAL A 555 7.09 -8.11 21.34
CA VAL A 555 6.84 -9.49 21.82
C VAL A 555 6.72 -9.48 23.34
N ALA A 556 5.61 -9.98 23.88
CA ALA A 556 5.54 -10.16 25.33
C ALA A 556 5.49 -11.62 25.66
N ARG A 557 6.43 -12.08 26.52
CA ARG A 557 6.38 -13.48 26.92
C ARG A 557 5.48 -13.61 28.14
N LEU A 558 4.31 -14.21 27.95
CA LEU A 558 3.27 -14.22 28.99
C LEU A 558 3.44 -15.49 29.86
N SER A 559 4.01 -16.54 29.30
CA SER A 559 4.31 -17.78 30.06
C SER A 559 5.38 -18.57 29.31
N GLU A 560 5.78 -19.78 29.79
CA GLU A 560 6.79 -20.54 29.10
C GLU A 560 6.48 -20.74 27.63
N ASP A 561 5.22 -21.05 27.31
CA ASP A 561 4.85 -21.50 25.96
C ASP A 561 3.84 -20.54 25.29
N THR A 562 3.66 -19.34 25.82
CA THR A 562 2.73 -18.36 25.22
C THR A 562 3.33 -16.98 25.07
N PHE A 563 3.28 -16.44 23.85
CA PHE A 563 3.78 -15.08 23.56
C PHE A 563 2.67 -14.27 22.91
N GLN A 564 2.55 -13.00 23.29
CA GLN A 564 1.60 -12.11 22.63
C GLN A 564 2.42 -11.14 21.81
N LEU A 565 2.06 -10.96 20.55
CA LEU A 565 2.80 -10.09 19.63
C LEU A 565 1.94 -8.88 19.22
N GLY A 566 2.53 -7.70 19.23
CA GLY A 566 1.88 -6.52 18.62
C GLY A 566 2.51 -6.43 17.25
N ALA A 567 1.73 -6.55 16.18
CA ALA A 567 2.24 -6.60 14.79
C ALA A 567 1.67 -5.50 13.89
N ASN A 568 2.05 -5.51 12.60
CA ASN A 568 1.62 -4.41 11.72
C ASN A 568 0.37 -4.64 10.88
N GLY A 569 -0.06 -5.89 10.74
CA GLY A 569 -1.19 -6.18 9.87
C GLY A 569 -1.18 -7.62 9.42
N ASN A 570 -2.01 -7.94 8.43
CA ASN A 570 -2.23 -9.33 8.05
C ASN A 570 -1.11 -9.90 7.19
N ILE A 571 -0.17 -9.07 6.72
CA ILE A 571 1.03 -9.62 6.07
C ILE A 571 1.81 -10.37 7.15
N ASP A 572 1.94 -9.73 8.31
CA ASP A 572 2.57 -10.41 9.45
C ASP A 572 1.83 -11.69 9.84
N THR A 573 0.50 -11.63 9.96
CA THR A 573 -0.27 -12.81 10.35
C THR A 573 0.05 -13.98 9.44
N ALA A 574 -0.01 -13.75 8.12
CA ALA A 574 0.20 -14.83 7.17
C ALA A 574 1.63 -15.32 7.20
N TYR A 575 2.58 -14.42 7.43
CA TYR A 575 3.99 -14.80 7.53
C TYR A 575 4.23 -15.76 8.72
N PHE A 576 3.69 -15.43 9.88
CA PHE A 576 3.83 -16.28 11.07
C PHE A 576 3.05 -17.58 10.88
N GLU A 577 1.87 -17.53 10.27
CA GLU A 577 1.05 -18.75 10.10
C GLU A 577 1.84 -19.79 9.30
N ARG A 578 2.40 -19.38 8.18
CA ARG A 578 3.12 -20.34 7.32
C ARG A 578 4.39 -20.82 8.05
N ALA A 579 5.12 -19.91 8.72
CA ALA A 579 6.37 -20.30 9.37
C ALA A 579 6.10 -21.31 10.48
N ALA A 580 5.05 -21.06 11.27
CA ALA A 580 4.57 -21.99 12.30
C ALA A 580 4.17 -23.38 11.72
N ARG A 581 3.45 -23.40 10.62
CA ARG A 581 3.02 -24.66 10.02
C ARG A 581 4.23 -25.44 9.53
N HIS A 582 5.20 -24.74 8.94
CA HIS A 582 6.40 -25.42 8.43
C HIS A 582 7.22 -25.97 9.60
N GLN A 583 7.30 -25.24 10.71
CA GLN A 583 8.12 -25.75 11.83
C GLN A 583 7.44 -26.99 12.43
N THR A 584 6.13 -26.93 12.59
CA THR A 584 5.34 -28.03 13.11
C THR A 584 5.46 -29.28 12.23
N GLN A 585 5.33 -29.09 10.92
CA GLN A 585 5.38 -30.20 9.97
C GLN A 585 6.70 -30.91 9.94
N SER A 586 7.77 -30.19 10.17
CA SER A 586 9.09 -30.76 9.96
C SER A 586 9.74 -31.07 11.30
N GLY A 587 9.06 -30.70 12.37
CA GLY A 587 9.61 -30.82 13.71
C GLY A 587 9.18 -32.02 14.53
N SER A 588 9.68 -32.05 15.75
CA SER A 588 9.37 -33.13 16.66
C SER A 588 8.05 -32.87 17.43
N ALA A 589 7.77 -33.73 18.40
CA ALA A 589 6.63 -33.54 19.29
C ALA A 589 6.76 -32.30 20.16
N THR A 590 7.95 -31.71 20.24
CA THR A 590 8.22 -30.57 21.09
C THR A 590 8.33 -29.28 20.27
N ASP A 591 8.11 -29.38 18.95
CA ASP A 591 8.29 -28.26 18.03
C ASP A 591 6.99 -27.65 17.54
N TRP A 592 5.85 -28.19 17.96
CA TRP A 592 4.57 -27.71 17.41
C TRP A 592 4.27 -26.32 17.95
N VAL A 593 3.64 -25.52 17.09
CA VAL A 593 3.32 -24.13 17.44
C VAL A 593 2.08 -23.68 16.68
N GLN A 594 1.19 -22.96 17.36
CA GLN A 594 -0.02 -22.38 16.77
C GLN A 594 0.06 -20.86 16.80
N VAL A 595 -0.51 -20.23 15.77
CA VAL A 595 -0.58 -18.75 15.65
C VAL A 595 -2.06 -18.39 15.51
N ARG A 596 -2.52 -17.45 16.34
CA ARG A 596 -3.91 -17.00 16.28
C ARG A 596 -3.96 -15.49 16.27
N ASP A 597 -4.82 -14.96 15.41
CA ASP A 597 -5.07 -13.53 15.40
C ASP A 597 -6.18 -13.26 16.41
N THR A 598 -5.80 -12.72 17.57
CA THR A 598 -6.75 -12.52 18.66
C THR A 598 -7.32 -11.10 18.72
N THR A 599 -6.98 -10.26 17.74
CA THR A 599 -7.40 -8.84 17.78
C THR A 599 -8.89 -8.65 18.02
N GLY A 600 -9.69 -9.36 17.22
CA GLY A 600 -11.14 -9.15 17.25
C GLY A 600 -11.86 -9.64 18.51
N GLY A 601 -11.19 -10.50 19.28
CA GLY A 601 -11.74 -11.05 20.50
C GLY A 601 -11.28 -10.34 21.77
N THR A 602 -10.41 -9.33 21.61
CA THR A 602 -9.80 -8.67 22.78
C THR A 602 -9.87 -7.17 22.57
N CYS A 603 -9.32 -6.42 23.53
CA CYS A 603 -9.29 -4.97 23.42
C CYS A 603 -8.11 -4.43 24.25
N CYS A 604 -7.77 -3.15 24.04
CA CYS A 604 -6.60 -2.58 24.71
C CYS A 604 -6.84 -1.09 24.89
N ILE A 605 -6.60 -0.63 26.12
CA ILE A 605 -6.59 0.81 26.41
C ILE A 605 -5.14 1.24 26.70
N GLY A 606 -4.66 2.27 26.02
CA GLY A 606 -3.37 2.89 26.36
C GLY A 606 -3.67 3.96 27.37
N LEU A 607 -3.27 3.75 28.64
CA LEU A 607 -3.55 4.71 29.72
C LEU A 607 -2.24 5.46 29.98
N TRP A 608 -2.15 6.71 29.50
CA TRP A 608 -0.86 7.42 29.42
C TRP A 608 -0.97 8.85 29.92
N GLY A 609 0.04 9.28 30.66
CA GLY A 609 0.12 10.67 31.10
C GLY A 609 0.71 10.69 32.51
N PRO A 610 1.17 11.85 32.96
CA PRO A 610 1.81 11.91 34.29
C PRO A 610 0.91 11.54 35.47
N LEU A 611 -0.41 11.61 35.31
CA LEU A 611 -1.35 11.23 36.36
C LEU A 611 -1.85 9.79 36.28
N ALA A 612 -1.21 8.97 35.44
CA ALA A 612 -1.70 7.59 35.22
C ALA A 612 -1.64 6.70 36.46
N ARG A 613 -0.59 6.86 37.26
CA ARG A 613 -0.47 6.09 38.51
C ARG A 613 -1.53 6.57 39.53
N ASP A 614 -1.75 7.87 39.63
CA ASP A 614 -2.79 8.39 40.51
C ASP A 614 -4.15 7.77 40.14
N LEU A 615 -4.45 7.71 38.82
CA LEU A 615 -5.75 7.19 38.37
C LEU A 615 -5.90 5.68 38.69
N VAL A 616 -4.96 4.87 38.22
CA VAL A 616 -5.10 3.43 38.34
C VAL A 616 -5.14 2.97 39.80
N SER A 617 -4.45 3.70 40.68
CA SER A 617 -4.41 3.38 42.13
C SER A 617 -5.81 3.38 42.79
N LYS A 618 -6.78 4.08 42.18
CA LYS A 618 -8.14 4.15 42.69
C LYS A 618 -8.97 2.91 42.35
N VAL A 619 -8.52 2.12 41.37
CA VAL A 619 -9.36 1.02 40.89
C VAL A 619 -8.63 -0.33 40.86
N SER A 620 -7.49 -0.39 41.53
CA SER A 620 -6.70 -1.60 41.55
C SER A 620 -5.91 -1.61 42.83
N ASP A 621 -5.75 -2.80 43.43
CA ASP A 621 -4.83 -2.97 44.55
C ASP A 621 -3.47 -3.54 44.14
N ASP A 622 -3.29 -3.78 42.84
CA ASP A 622 -1.99 -4.24 42.36
C ASP A 622 -0.95 -3.11 42.41
N ASP A 623 0.32 -3.50 42.45
CA ASP A 623 1.40 -2.53 42.60
C ASP A 623 1.84 -2.07 41.21
N PHE A 624 1.56 -0.81 40.93
CA PHE A 624 1.97 -0.18 39.68
C PHE A 624 3.16 0.78 39.83
N THR A 625 3.79 0.82 41.01
CA THR A 625 5.03 1.58 41.15
C THR A 625 6.14 0.95 40.32
N ASN A 626 7.25 1.65 40.25
CA ASN A 626 8.40 1.10 39.56
C ASN A 626 8.84 -0.28 40.09
N ASP A 627 8.78 -0.49 41.40
CA ASP A 627 9.09 -1.82 41.92
C ASP A 627 8.02 -2.87 41.59
N GLY A 628 6.79 -2.44 41.36
CA GLY A 628 5.70 -3.35 41.06
C GLY A 628 5.70 -3.79 39.62
N LEU A 629 6.11 -2.88 38.73
CA LEU A 629 6.11 -3.17 37.30
C LEU A 629 7.10 -2.23 36.62
N LYS A 630 8.22 -2.81 36.21
CA LYS A 630 9.29 -2.01 35.61
C LYS A 630 9.02 -1.78 34.14
N TYR A 631 9.77 -0.84 33.55
CA TYR A 631 9.63 -0.47 32.18
C TYR A 631 9.87 -1.70 31.30
N PHE A 632 9.02 -1.88 30.29
CA PHE A 632 9.12 -2.98 29.37
C PHE A 632 8.92 -4.34 30.01
N ARG A 633 8.02 -4.37 30.99
CA ARG A 633 7.59 -5.60 31.62
C ARG A 633 6.08 -5.71 31.57
N ALA A 634 5.60 -6.93 31.73
CA ALA A 634 4.15 -7.21 31.75
C ALA A 634 3.80 -8.03 32.97
N LYS A 635 2.58 -7.85 33.48
CA LYS A 635 2.05 -8.74 34.50
C LYS A 635 0.54 -8.67 34.54
N ASN A 636 -0.05 -9.71 35.10
CA ASN A 636 -1.50 -9.73 35.26
C ASN A 636 -1.94 -8.95 36.48
N VAL A 637 -3.04 -8.20 36.33
CA VAL A 637 -3.56 -7.34 37.40
C VAL A 637 -5.09 -7.39 37.37
N VAL A 638 -5.73 -6.78 38.36
CA VAL A 638 -7.18 -6.59 38.29
C VAL A 638 -7.50 -5.12 38.41
N ILE A 639 -8.33 -4.60 37.49
CA ILE A 639 -8.70 -3.16 37.46
C ILE A 639 -10.23 -3.11 37.33
N GLY A 640 -10.89 -2.44 38.28
CA GLY A 640 -12.36 -2.37 38.20
C GLY A 640 -13.04 -3.74 38.22
N GLY A 641 -12.39 -4.73 38.84
CA GLY A 641 -12.94 -6.07 38.90
C GLY A 641 -12.60 -6.91 37.66
N ILE A 642 -11.89 -6.34 36.70
CA ILE A 642 -11.58 -7.07 35.46
C ILE A 642 -10.11 -7.58 35.38
N PRO A 643 -9.90 -8.86 35.09
CA PRO A 643 -8.54 -9.39 34.83
C PRO A 643 -7.93 -8.73 33.63
N VAL A 644 -6.73 -8.16 33.78
CA VAL A 644 -6.09 -7.39 32.72
C VAL A 644 -4.65 -7.82 32.65
N THR A 645 -4.09 -7.80 31.44
CA THR A 645 -2.64 -7.95 31.24
C THR A 645 -2.14 -6.51 31.03
N ALA A 646 -1.32 -6.01 31.96
CA ALA A 646 -0.74 -4.64 31.90
C ALA A 646 0.69 -4.72 31.35
N MET A 647 1.02 -3.89 30.38
CA MET A 647 2.38 -3.83 29.83
C MET A 647 2.85 -2.42 29.98
N ARG A 648 4.04 -2.22 30.58
CA ARG A 648 4.53 -0.84 30.75
C ARG A 648 5.40 -0.37 29.57
N LEU A 649 4.74 0.37 28.69
CA LEU A 649 5.41 1.04 27.58
C LEU A 649 4.38 2.02 27.05
N SER A 650 4.88 2.98 26.28
CA SER A 650 4.02 4.05 25.79
C SER A 650 4.49 4.60 24.43
N TYR A 651 3.64 4.48 23.40
CA TYR A 651 3.97 5.07 22.10
C TYR A 651 4.07 6.58 22.19
N VAL A 652 3.36 7.19 23.13
CA VAL A 652 3.27 8.65 23.17
C VAL A 652 4.35 9.28 24.11
N GLY A 653 5.11 8.41 24.81
CA GLY A 653 6.23 8.86 25.60
C GLY A 653 5.92 9.35 27.01
N GLU A 654 4.84 8.83 27.61
CA GLU A 654 4.49 9.22 28.98
C GLU A 654 4.39 8.01 29.89
N LEU A 655 4.34 8.30 31.20
CA LEU A 655 4.03 7.27 32.21
C LEU A 655 2.73 6.52 31.81
N GLY A 656 2.70 5.23 32.09
CA GLY A 656 1.47 4.43 31.97
C GLY A 656 1.67 3.11 31.26
N TRP A 657 0.56 2.52 30.83
CA TRP A 657 0.56 1.11 30.43
C TRP A 657 -0.44 0.87 29.32
N GLU A 658 -0.18 -0.18 28.53
CA GLU A 658 -1.18 -0.79 27.65
C GLU A 658 -1.91 -1.81 28.51
N LEU A 659 -3.24 -1.73 28.49
CA LEU A 659 -4.06 -2.57 29.37
C LEU A 659 -4.93 -3.45 28.46
N TYR A 660 -4.70 -4.76 28.50
CA TYR A 660 -5.40 -5.72 27.62
C TYR A 660 -6.41 -6.56 28.36
N THR A 661 -7.57 -6.76 27.74
CA THR A 661 -8.55 -7.71 28.27
C THR A 661 -9.45 -8.30 27.17
N SER A 662 -10.25 -9.31 27.53
CA SER A 662 -11.17 -9.92 26.61
C SER A 662 -12.29 -8.90 26.25
N ALA A 663 -12.83 -9.04 25.05
CA ALA A 663 -13.86 -8.08 24.59
C ALA A 663 -15.06 -7.94 25.52
N ASP A 664 -15.51 -9.03 26.13
CA ASP A 664 -16.69 -8.97 26.98
C ASP A 664 -16.47 -8.14 28.26
N ASN A 665 -15.19 -7.94 28.60
CA ASN A 665 -14.86 -7.19 29.84
C ASN A 665 -14.50 -5.71 29.53
N GLY A 666 -14.39 -5.36 28.24
CA GLY A 666 -13.80 -4.08 27.84
C GLY A 666 -14.58 -2.89 28.32
N GLN A 667 -15.91 -2.96 28.20
CA GLN A 667 -16.73 -1.79 28.58
C GLN A 667 -16.59 -1.52 30.10
N ARG A 668 -16.55 -2.59 30.91
CA ARG A 668 -16.38 -2.42 32.35
C ARG A 668 -15.02 -1.81 32.67
N LEU A 669 -13.99 -2.30 31.99
CA LEU A 669 -12.63 -1.76 32.23
C LEU A 669 -12.61 -0.25 31.90
N TRP A 670 -13.14 0.09 30.72
CA TRP A 670 -13.32 1.48 30.29
C TRP A 670 -14.02 2.30 31.37
N ASP A 671 -15.19 1.84 31.80
CA ASP A 671 -16.00 2.65 32.73
C ASP A 671 -15.31 2.82 34.08
N ALA A 672 -14.63 1.77 34.55
CA ALA A 672 -13.92 1.83 35.84
C ALA A 672 -12.83 2.89 35.78
N LEU A 673 -12.04 2.86 34.71
CA LEU A 673 -10.95 3.84 34.56
C LEU A 673 -11.49 5.25 34.36
N TRP A 674 -12.58 5.36 33.62
CA TRP A 674 -13.21 6.64 33.33
C TRP A 674 -13.64 7.29 34.63
N GLN A 675 -14.37 6.55 35.46
CA GLN A 675 -14.87 7.11 36.72
C GLN A 675 -13.69 7.51 37.63
N ALA A 676 -12.69 6.64 37.70
CA ALA A 676 -11.52 6.90 38.56
C ALA A 676 -10.77 8.14 38.09
N GLY A 677 -10.83 8.42 36.79
CA GLY A 677 -10.08 9.52 36.22
C GLY A 677 -10.71 10.88 36.33
N GLN A 678 -11.97 10.94 36.74
CA GLN A 678 -12.68 12.27 36.79
C GLN A 678 -11.93 13.36 37.59
N PRO A 679 -11.45 13.07 38.80
CA PRO A 679 -10.73 14.11 39.57
C PRO A 679 -9.36 14.46 38.96
N PHE A 680 -8.88 13.67 38.01
CA PHE A 680 -7.58 13.93 37.37
C PHE A 680 -7.76 14.51 35.98
N GLY A 681 -9.01 14.77 35.59
CA GLY A 681 -9.26 15.37 34.29
C GLY A 681 -8.97 14.41 33.13
N VAL A 682 -9.24 13.13 33.33
CA VAL A 682 -9.01 12.15 32.26
C VAL A 682 -9.84 12.53 31.02
N ILE A 683 -9.24 12.30 29.85
CA ILE A 683 -9.93 12.45 28.55
C ILE A 683 -9.76 11.15 27.74
N ALA A 684 -10.63 10.97 26.74
CA ALA A 684 -10.40 10.03 25.67
C ALA A 684 -9.58 10.80 24.64
N ALA A 685 -8.60 10.12 24.02
CA ALA A 685 -7.73 10.79 23.04
C ALA A 685 -7.64 9.92 21.80
N GLY A 686 -7.61 10.59 20.66
CA GLY A 686 -7.76 9.96 19.36
C GLY A 686 -6.48 9.85 18.56
N ARG A 687 -6.60 9.31 17.34
CA ARG A 687 -5.44 9.01 16.53
C ARG A 687 -4.64 10.23 16.07
N ALA A 688 -5.28 11.39 15.88
CA ALA A 688 -4.50 12.56 15.42
C ALA A 688 -3.45 12.96 16.48
N ALA A 689 -3.88 13.11 17.71
CA ALA A 689 -2.91 13.37 18.79
C ALA A 689 -1.91 12.23 18.97
N PHE A 690 -2.40 11.00 18.96
CA PHE A 690 -1.54 9.83 19.07
C PHE A 690 -0.38 9.89 18.07
N SER A 691 -0.71 10.13 16.80
CA SER A 691 0.30 10.12 15.74
C SER A 691 1.36 11.23 15.93
N SER A 692 0.90 12.39 16.35
CA SER A 692 1.77 13.53 16.61
C SER A 692 2.69 13.26 17.79
N LEU A 693 2.13 12.78 18.90
CA LEU A 693 2.97 12.50 20.10
C LEU A 693 4.00 11.39 19.85
N ARG A 694 3.58 10.35 19.13
CA ARG A 694 4.46 9.23 18.79
C ARG A 694 5.57 9.69 17.87
N LEU A 695 5.27 10.59 16.93
CA LEU A 695 6.35 11.11 16.06
C LEU A 695 7.35 11.97 16.82
N GLU A 696 6.88 12.71 17.80
CA GLU A 696 7.75 13.44 18.73
C GLU A 696 8.69 12.51 19.51
N LYS A 697 8.32 11.23 19.66
CA LYS A 697 9.18 10.25 20.27
C LYS A 697 10.09 9.53 19.27
N GLY A 698 9.96 9.83 17.98
CA GLY A 698 10.81 9.21 16.97
C GLY A 698 10.45 7.77 16.60
N TYR A 699 9.22 7.37 16.87
CA TYR A 699 8.78 6.02 16.47
C TYR A 699 8.77 5.87 14.95
N ARG A 700 9.23 4.70 14.50
CA ARG A 700 9.23 4.40 13.07
C ARG A 700 7.93 3.65 12.71
N SER A 701 7.24 4.06 11.65
CA SER A 701 6.03 3.32 11.25
C SER A 701 6.41 2.41 10.08
N TRP A 702 6.28 1.10 10.27
CA TRP A 702 6.58 0.18 9.17
C TRP A 702 5.67 0.47 7.95
N GLY A 703 6.27 0.42 6.77
CA GLY A 703 5.58 0.64 5.52
C GLY A 703 5.79 2.04 5.00
N THR A 704 6.19 2.96 5.90
CA THR A 704 6.34 4.39 5.62
C THR A 704 7.80 4.80 5.94
N ASP A 705 8.15 4.71 7.21
CA ASP A 705 9.51 5.03 7.63
C ASP A 705 10.56 3.96 7.36
N MET A 706 10.14 2.69 7.22
CA MET A 706 11.08 1.64 6.78
C MET A 706 10.25 0.56 6.07
N THR A 707 10.84 -0.04 5.04
CA THR A 707 10.29 -1.21 4.38
C THR A 707 11.39 -2.22 4.19
N THR A 708 11.10 -3.24 3.39
CA THR A 708 12.16 -4.22 3.05
C THR A 708 13.27 -3.62 2.21
N GLU A 709 13.08 -2.42 1.68
CA GLU A 709 14.13 -1.70 0.98
C GLU A 709 15.22 -1.14 1.92
N HIS A 710 14.97 -1.17 3.24
CA HIS A 710 15.89 -0.55 4.20
C HIS A 710 16.38 -1.59 5.17
N ASP A 711 17.63 -1.44 5.60
CA ASP A 711 18.10 -2.33 6.67
C ASP A 711 17.91 -1.61 8.02
N PRO A 712 18.03 -2.29 9.15
CA PRO A 712 17.79 -1.65 10.45
C PRO A 712 18.70 -0.45 10.69
N PHE A 713 19.94 -0.46 10.16
CA PHE A 713 20.90 0.57 10.49
C PHE A 713 20.56 1.86 9.75
N GLU A 714 20.10 1.70 8.50
CA GLU A 714 19.64 2.86 7.75
C GLU A 714 18.45 3.52 8.46
N ALA A 715 17.56 2.69 9.02
CA ALA A 715 16.37 3.20 9.68
C ALA A 715 16.62 3.77 11.08
N GLY A 716 17.85 3.64 11.60
CA GLY A 716 18.14 4.02 12.98
C GLY A 716 17.59 3.06 14.03
N LEU A 717 17.42 1.78 13.66
CA LEU A 717 16.87 0.76 14.56
C LEU A 717 17.90 -0.30 14.95
N GLY A 718 19.19 0.09 14.88
CA GLY A 718 20.29 -0.83 15.17
C GLY A 718 20.18 -1.41 16.58
N PHE A 719 19.67 -0.60 17.52
CA PHE A 719 19.53 -1.03 18.92
C PHE A 719 18.63 -2.27 19.10
N ALA A 720 17.77 -2.50 18.11
CA ALA A 720 16.82 -3.60 18.16
C ALA A 720 17.35 -4.89 17.54
N VAL A 721 18.58 -4.87 17.03
CA VAL A 721 19.17 -6.05 16.43
C VAL A 721 20.26 -6.58 17.38
N LYS A 722 20.07 -7.80 17.88
CA LYS A 722 21.10 -8.40 18.76
C LYS A 722 22.05 -9.26 17.92
N MET A 723 23.11 -8.64 17.42
CA MET A 723 24.03 -9.33 16.47
C MET A 723 24.79 -10.50 17.12
N ALA A 724 24.85 -10.51 18.44
CA ALA A 724 25.45 -11.63 19.20
C ALA A 724 24.63 -12.94 19.14
N LYS A 725 23.33 -12.89 18.85
CA LYS A 725 22.54 -14.11 18.67
C LYS A 725 23.21 -15.11 17.73
N GLU A 726 23.07 -16.40 18.01
CA GLU A 726 23.73 -17.40 17.16
C GLU A 726 23.13 -17.41 15.76
N SER A 727 21.82 -17.21 15.68
CA SER A 727 21.12 -17.44 14.43
C SER A 727 19.83 -16.61 14.39
N PHE A 728 19.56 -15.97 13.26
CA PHE A 728 18.24 -15.41 12.98
C PHE A 728 18.21 -14.99 11.52
N ILE A 729 17.01 -14.99 10.94
CA ILE A 729 16.89 -14.62 9.54
C ILE A 729 17.44 -13.21 9.36
N GLY A 730 18.38 -13.05 8.41
CA GLY A 730 19.00 -11.78 8.08
C GLY A 730 20.32 -11.46 8.74
N LYS A 731 20.72 -12.29 9.71
CA LYS A 731 21.94 -12.00 10.46
C LYS A 731 23.16 -11.87 9.52
N GLY A 732 23.30 -12.83 8.60
CA GLY A 732 24.47 -12.88 7.75
C GLY A 732 24.59 -11.66 6.87
N ALA A 733 23.45 -11.21 6.35
CA ALA A 733 23.45 -10.01 5.51
C ALA A 733 23.88 -8.76 6.26
N LEU A 734 23.65 -8.72 7.58
CA LEU A 734 23.91 -7.55 8.39
C LEU A 734 25.33 -7.47 8.99
N GLU A 735 26.11 -8.53 8.81
CA GLU A 735 27.46 -8.52 9.38
C GLU A 735 28.28 -7.31 8.95
N GLY A 736 28.89 -6.64 9.92
CA GLY A 736 29.67 -5.46 9.62
C GLY A 736 28.96 -4.13 9.43
N ARG A 737 27.62 -4.14 9.32
CA ARG A 737 26.92 -2.89 9.03
C ARG A 737 26.74 -2.09 10.30
N THR A 738 26.80 -0.77 10.16
CA THR A 738 26.53 0.15 11.27
C THR A 738 25.66 1.33 10.85
N GLU A 739 25.09 2.02 11.83
CA GLU A 739 24.36 3.26 11.53
C GLU A 739 25.27 4.33 10.96
N GLU A 740 26.46 4.49 11.56
CA GLU A 740 27.38 5.56 11.15
C GLU A 740 27.92 5.39 9.73
N ALA A 741 28.05 4.15 9.27
CA ALA A 741 28.55 3.91 7.92
C ALA A 741 27.47 3.82 6.84
N SER A 742 26.20 3.96 7.22
CA SER A 742 25.11 3.73 6.27
C SER A 742 25.09 4.86 5.26
N ALA A 743 24.99 4.50 3.97
CA ALA A 743 25.01 5.51 2.91
C ALA A 743 23.79 6.44 2.95
N ARG A 744 22.66 5.91 3.42
CA ARG A 744 21.43 6.73 3.57
C ARG A 744 20.90 6.44 4.96
N ARG A 745 20.40 7.49 5.62
CA ARG A 745 19.93 7.38 7.00
C ARG A 745 18.63 8.13 7.19
N LEU A 746 17.76 7.54 8.00
CA LEU A 746 16.47 8.18 8.28
C LEU A 746 16.68 9.35 9.22
N ARG A 747 16.17 10.52 8.82
CA ARG A 747 16.39 11.76 9.61
C ARG A 747 15.09 12.44 9.93
N CYS A 748 15.09 13.09 11.08
CA CYS A 748 14.00 13.92 11.56
C CYS A 748 14.19 15.34 11.08
N LEU A 749 13.16 15.91 10.46
CA LEU A 749 13.22 17.30 10.02
C LEU A 749 12.14 18.08 10.76
N THR A 750 12.45 19.34 11.10
CA THR A 750 11.40 20.24 11.61
C THR A 750 11.29 21.43 10.68
N ILE A 751 10.06 21.90 10.44
CA ILE A 751 9.78 22.97 9.48
C ILE A 751 10.00 24.34 10.12
N ASP A 752 10.90 25.12 9.52
CA ASP A 752 11.43 26.30 10.19
C ASP A 752 10.38 27.36 10.47
N ASP A 753 9.42 27.55 9.57
CA ASP A 753 8.38 28.58 9.75
C ASP A 753 7.28 28.28 10.78
N GLY A 754 7.32 27.09 11.35
CA GLY A 754 6.37 26.69 12.37
C GLY A 754 4.95 26.48 11.88
N ARG A 755 4.71 26.56 10.58
CA ARG A 755 3.31 26.54 10.13
C ARG A 755 3.05 25.71 8.89
N SER A 756 4.05 25.51 8.05
CA SER A 756 3.81 24.86 6.75
C SER A 756 3.84 23.35 6.90
N ILE A 757 2.68 22.78 7.16
CA ILE A 757 2.58 21.32 7.43
C ILE A 757 2.65 20.56 6.11
N VAL A 758 3.46 19.50 6.13
CA VAL A 758 3.51 18.57 5.00
C VAL A 758 2.93 17.23 5.46
N LEU A 759 2.59 16.38 4.49
CA LEU A 759 1.73 15.20 4.75
C LEU A 759 2.33 13.85 4.50
N GLY A 760 3.26 13.79 3.56
CA GLY A 760 3.84 12.55 3.11
C GLY A 760 4.08 12.57 1.63
N LYS A 761 5.19 11.96 1.22
CA LYS A 761 5.59 11.77 -0.18
C LYS A 761 6.16 13.01 -0.86
N GLU A 762 6.13 14.18 -0.22
CA GLU A 762 6.77 15.37 -0.77
C GLU A 762 8.27 15.18 -0.96
N PRO A 763 8.83 15.63 -2.07
CA PRO A 763 10.28 15.47 -2.30
C PRO A 763 11.11 16.42 -1.41
N VAL A 764 12.29 15.94 -1.00
CA VAL A 764 13.21 16.68 -0.14
C VAL A 764 14.50 16.95 -0.91
N PHE A 765 14.96 18.21 -0.84
CA PHE A 765 16.06 18.71 -1.66
C PHE A 765 17.20 19.16 -0.74
N TYR A 766 18.43 18.83 -1.14
CA TYR A 766 19.57 19.35 -0.39
C TYR A 766 20.46 20.03 -1.45
N LYS A 767 20.78 21.31 -1.21
CA LYS A 767 21.44 22.19 -2.18
C LYS A 767 20.86 22.05 -3.60
N GLU A 768 19.53 22.12 -3.67
CA GLU A 768 18.75 22.09 -4.93
C GLU A 768 18.64 20.73 -5.65
N GLN A 769 19.19 19.67 -5.07
CA GLN A 769 19.05 18.32 -5.66
C GLN A 769 18.07 17.45 -4.87
N ALA A 770 17.17 16.72 -5.56
CA ALA A 770 16.27 15.79 -4.87
C ALA A 770 17.07 14.64 -4.26
N VAL A 771 17.01 14.51 -2.94
CA VAL A 771 17.78 13.46 -2.25
C VAL A 771 16.93 12.64 -1.28
N GLY A 772 15.63 12.93 -1.20
CA GLY A 772 14.79 12.15 -0.28
C GLY A 772 13.34 12.48 -0.52
N TYR A 773 12.46 12.02 0.40
CA TYR A 773 11.03 12.31 0.33
C TYR A 773 10.45 12.08 1.71
N VAL A 774 9.33 12.74 1.99
CA VAL A 774 8.75 12.64 3.33
C VAL A 774 8.10 11.29 3.55
N THR A 775 8.50 10.66 4.65
CA THR A 775 7.89 9.38 5.06
C THR A 775 6.75 9.82 6.05
N SER A 776 6.92 9.69 7.35
CA SER A 776 5.89 10.10 8.29
C SER A 776 5.95 11.61 8.50
N ALA A 777 4.80 12.21 8.86
CA ALA A 777 4.75 13.65 9.10
C ALA A 777 3.57 13.94 10.02
N ALA A 778 3.69 15.01 10.82
CA ALA A 778 2.58 15.48 11.66
C ALA A 778 2.97 16.82 12.22
N TYR A 779 1.98 17.59 12.68
CA TYR A 779 2.30 18.77 13.47
C TYR A 779 2.67 18.29 14.89
N GLY A 780 3.82 18.73 15.39
CA GLY A 780 4.24 18.37 16.76
C GLY A 780 3.71 19.40 17.77
N TYR A 781 2.73 19.01 18.59
CA TYR A 781 2.09 19.97 19.48
C TYR A 781 2.98 20.41 20.65
N THR A 782 3.90 19.54 21.05
CA THR A 782 4.80 19.83 22.17
C THR A 782 5.94 20.71 21.68
N VAL A 783 6.45 20.42 20.49
CA VAL A 783 7.56 21.25 19.95
C VAL A 783 7.05 22.45 19.17
N ALA A 784 5.73 22.50 18.94
CA ALA A 784 5.07 23.65 18.29
C ALA A 784 5.64 23.94 16.89
N LYS A 785 5.77 22.87 16.09
CA LYS A 785 6.13 23.03 14.67
C LYS A 785 5.84 21.74 13.93
N PRO A 786 5.71 21.83 12.61
CA PRO A 786 5.55 20.63 11.78
C PRO A 786 6.84 19.78 11.77
N ILE A 787 6.61 18.49 11.73
CA ILE A 787 7.66 17.48 11.75
C ILE A 787 7.50 16.66 10.48
N ALA A 788 8.64 16.23 9.92
CA ALA A 788 8.64 15.32 8.76
C ALA A 788 9.88 14.45 8.83
N TYR A 789 9.75 13.17 8.51
CA TYR A 789 10.93 12.29 8.38
C TYR A 789 11.28 12.05 6.92
N SER A 790 12.56 11.81 6.64
CA SER A 790 13.02 11.45 5.28
C SER A 790 14.34 10.72 5.40
N TYR A 791 14.59 9.75 4.51
CA TYR A 791 15.96 9.26 4.33
C TYR A 791 16.79 10.37 3.66
N LEU A 792 18.06 10.49 4.06
CA LEU A 792 18.93 11.48 3.43
C LEU A 792 20.28 10.85 3.26
N PRO A 793 21.06 11.34 2.29
CA PRO A 793 22.43 10.84 2.16
C PRO A 793 23.17 10.99 3.50
N GLY A 794 24.02 10.02 3.79
CA GLY A 794 24.75 9.98 5.05
C GLY A 794 25.60 11.21 5.32
N THR A 795 26.00 11.91 4.27
CA THR A 795 26.79 13.13 4.41
C THR A 795 26.01 14.38 4.85
N VAL A 796 24.67 14.29 4.81
CA VAL A 796 23.86 15.36 5.39
C VAL A 796 23.80 15.13 6.89
N SER A 797 24.06 16.18 7.67
CA SER A 797 24.18 16.06 9.11
C SER A 797 23.08 16.79 9.89
N VAL A 798 22.90 16.42 11.16
CA VAL A 798 22.09 17.22 12.08
C VAL A 798 22.53 18.69 12.01
N GLY A 799 21.54 19.58 11.88
CA GLY A 799 21.77 21.00 11.77
C GLY A 799 21.77 21.55 10.36
N ASP A 800 21.90 20.65 9.36
CA ASP A 800 21.84 21.07 7.95
C ASP A 800 20.41 21.48 7.57
N SER A 801 20.30 22.26 6.50
CA SER A 801 19.03 22.76 6.02
C SER A 801 18.66 21.99 4.76
N VAL A 802 17.37 21.64 4.60
CA VAL A 802 16.86 20.99 3.38
C VAL A 802 15.57 21.71 3.01
N ASP A 803 15.09 21.54 1.78
CA ASP A 803 13.81 22.12 1.38
C ASP A 803 12.83 20.99 1.09
N ILE A 804 11.57 21.14 1.50
CA ILE A 804 10.54 20.13 1.18
C ILE A 804 9.55 20.77 0.23
N GLU A 805 9.26 20.17 -0.93
CA GLU A 805 8.35 20.82 -1.87
C GLU A 805 6.92 20.41 -1.59
N TYR A 806 6.05 21.40 -1.32
CA TYR A 806 4.63 21.15 -1.02
C TYR A 806 3.79 22.00 -1.97
N PHE A 807 3.00 21.35 -2.80
CA PHE A 807 2.21 22.06 -3.82
C PHE A 807 3.07 23.09 -4.56
N GLY A 808 4.25 22.61 -4.95
CA GLY A 808 5.17 23.42 -5.78
C GLY A 808 5.95 24.51 -5.05
N ARG A 809 5.72 24.66 -3.76
CA ARG A 809 6.46 25.68 -2.99
C ARG A 809 7.55 24.99 -2.13
N ARG A 810 8.77 25.54 -2.10
CA ARG A 810 9.85 24.98 -1.29
C ARG A 810 9.79 25.49 0.15
N ILE A 811 9.66 24.57 1.11
CA ILE A 811 9.58 24.88 2.55
C ILE A 811 10.93 24.56 3.23
N THR A 812 11.53 25.53 3.94
CA THR A 812 12.82 25.27 4.55
C THR A 812 12.64 24.47 5.83
N ALA A 813 13.46 23.45 6.00
CA ALA A 813 13.42 22.57 7.20
C ALA A 813 14.83 22.27 7.69
N THR A 814 14.95 21.92 8.98
CA THR A 814 16.25 21.65 9.59
C THR A 814 16.32 20.19 10.04
N VAL A 815 17.43 19.52 9.70
CA VAL A 815 17.72 18.21 10.23
C VAL A 815 17.94 18.33 11.76
N THR A 816 17.11 17.63 12.51
CA THR A 816 17.03 17.80 13.97
C THR A 816 17.34 16.46 14.69
N GLU A 817 17.99 16.52 15.84
CA GLU A 817 18.26 15.30 16.60
C GLU A 817 16.93 14.72 17.12
N ASP A 818 16.74 13.40 17.06
CA ASP A 818 15.53 12.85 17.70
C ASP A 818 15.86 11.86 18.81
N PRO A 819 14.91 11.54 19.70
CA PRO A 819 13.54 12.09 19.78
C PRO A 819 13.49 13.58 20.00
N LEU A 820 12.53 14.26 19.38
CA LEU A 820 12.30 15.66 19.65
C LEU A 820 11.84 15.94 21.07
N TYR A 821 11.14 14.99 21.69
CA TYR A 821 10.66 15.16 23.06
C TYR A 821 11.25 14.15 24.01
N ASP A 822 11.76 14.70 25.12
CA ASP A 822 12.28 13.91 26.25
C ASP A 822 13.24 12.79 25.81
N PRO A 823 14.33 13.13 25.09
CA PRO A 823 15.22 12.09 24.57
C PRO A 823 15.90 11.32 25.72
N LYS A 824 15.91 11.90 26.91
CA LYS A 824 16.51 11.26 28.08
C LYS A 824 15.51 10.40 28.83
N MET A 825 14.31 10.26 28.27
CA MET A 825 13.28 9.36 28.81
C MET A 825 12.90 9.62 30.28
N THR A 826 13.07 10.85 30.77
CA THR A 826 12.68 11.20 32.16
C THR A 826 11.21 10.92 32.46
N ARG A 827 10.35 11.05 31.44
CA ARG A 827 8.92 10.85 31.64
C ARG A 827 8.55 9.39 31.74
N LEU A 828 9.42 8.51 31.30
CA LEU A 828 9.13 7.09 31.19
C LEU A 828 9.68 6.26 32.35
N ARG A 829 10.79 6.70 32.94
CA ARG A 829 11.54 5.99 34.00
C ARG A 829 11.02 6.27 35.42
N GLY A 830 11.35 5.37 36.37
CA GLY A 830 11.04 5.57 37.78
C GLY A 830 9.63 5.23 38.25
NA NA B . -15.05 8.83 -11.99
C ACT C . -4.98 4.99 -17.76
O ACT C . -3.91 5.62 -17.49
OXT ACT C . -6.07 5.30 -17.21
CH3 ACT C . -5.02 3.84 -18.71
PA FAD D . -4.82 -10.79 -19.31
O1A FAD D . -6.29 -10.72 -19.18
O2A FAD D . -4.30 -10.10 -20.55
O5B FAD D . -4.33 -12.31 -19.46
C5B FAD D . -4.87 -13.32 -18.61
C4B FAD D . -4.85 -14.60 -19.47
O4B FAD D . -5.27 -15.65 -18.61
C3B FAD D . -5.88 -14.51 -20.59
O3B FAD D . -5.22 -14.55 -21.85
C2B FAD D . -6.77 -15.74 -20.38
O2B FAD D . -7.12 -16.43 -21.58
C1B FAD D . -5.94 -16.60 -19.42
N9A FAD D . -6.77 -17.49 -18.60
C8A FAD D . -7.73 -17.14 -17.66
N7A FAD D . -8.29 -18.24 -17.12
C5A FAD D . -7.69 -19.32 -17.72
C6A FAD D . -7.89 -20.69 -17.55
N6A FAD D . -8.77 -21.18 -16.69
N1A FAD D . -7.09 -21.55 -18.29
C2A FAD D . -6.15 -21.07 -19.17
N3A FAD D . -5.98 -19.72 -19.36
C4A FAD D . -6.74 -18.87 -18.64
N1 FAD D . -3.59 -0.60 -19.05
C2 FAD D . -2.66 0.42 -19.17
O2 FAD D . -1.62 0.40 -18.53
N3 FAD D . -2.87 1.48 -20.05
C4 FAD D . -4.07 1.61 -20.72
O4 FAD D . -4.12 2.41 -21.67
C4X FAD D . -5.02 0.62 -20.54
N5 FAD D . -6.24 0.72 -21.20
C5X FAD D . -7.17 -0.26 -21.08
C6 FAD D . -8.39 -0.16 -21.79
C7 FAD D . -9.37 -1.15 -21.71
C7M FAD D . -10.71 -0.89 -22.41
C8 FAD D . -9.08 -2.29 -20.96
C8M FAD D . -10.00 -3.49 -20.94
C9 FAD D . -7.88 -2.39 -20.26
C9A FAD D . -6.91 -1.39 -20.30
N10 FAD D . -5.72 -1.49 -19.60
C10 FAD D . -4.78 -0.50 -19.71
C1' FAD D . -5.58 -2.58 -18.56
C2' FAD D . -4.74 -3.75 -19.14
O2' FAD D . -5.32 -4.16 -20.35
C3' FAD D . -4.76 -4.93 -18.17
O3' FAD D . -4.60 -4.50 -16.80
C4' FAD D . -3.63 -5.94 -18.48
O4' FAD D . -3.69 -6.26 -19.86
C5' FAD D . -3.85 -7.23 -17.72
O5' FAD D . -2.84 -8.13 -18.16
P FAD D . -2.76 -9.62 -17.59
O1P FAD D . -1.59 -10.32 -18.30
O2P FAD D . -2.74 -9.59 -16.09
O3P FAD D . -4.15 -10.26 -17.95
#